data_4RPF
#
_entry.id   4RPF
#
_cell.length_a   162.861
_cell.length_b   93.659
_cell.length_c   107.617
_cell.angle_alpha   90.00
_cell.angle_beta   90.14
_cell.angle_gamma   90.00
#
_symmetry.space_group_name_H-M   'C 1 2 1'
#
loop_
_entity.id
_entity.type
_entity.pdbx_description
1 polymer 'Homoserine kinase'
2 non-polymer 'CITRIC ACID'
3 water water
#
_entity_poly.entity_id   1
_entity_poly.type   'polypeptide(L)'
_entity_poly.pdbx_seq_one_letter_code
;SMVKIYAPASIGNVSVGFDVLGAAVSPIDGTLLGDCVSVTAAERFSLHNEGRFVSKLPDDPKQNIVYQCWERFCQEMGKE
IPVAMVLEKNMPIGSGLGSSACSVVAGLMAMNEFCGQPLDKVTLLGMMGELEGRVSGSIHFDNVAPCYLGGMQLILEQEG
YISQDVPGFSDWLWVMAYPGIKVSTAEARAILPAQYRRQDCITHGRNLAGFIHACHTQQPDLAAKMMKDVIAEPYRTQLL
PGFAAARQAAQDIGALACGISGSGPTLFAVCNDQATAQRMAGWLQNHYLQNDEGFVHICRLDTAGARLLG
;
_entity_poly.pdbx_strand_id   A,B,C
#
loop_
_chem_comp.id
_chem_comp.type
_chem_comp.name
_chem_comp.formula
CIT non-polymer 'CITRIC ACID' 'C6 H8 O7'
#
# COMPACT_ATOMS: atom_id res chain seq x y z
N SER A 1 38.44 -12.86 -36.72
CA SER A 1 37.58 -13.17 -35.55
C SER A 1 36.21 -12.48 -35.65
N MET A 2 35.25 -13.20 -36.22
CA MET A 2 33.89 -12.71 -36.36
C MET A 2 32.96 -13.42 -35.37
N VAL A 3 32.12 -12.64 -34.68
CA VAL A 3 31.05 -13.16 -33.85
C VAL A 3 29.72 -12.83 -34.53
N LYS A 4 28.84 -13.82 -34.64
CA LYS A 4 27.54 -13.67 -35.31
C LYS A 4 26.44 -14.27 -34.42
N ILE A 5 25.50 -13.44 -33.98
CA ILE A 5 24.46 -13.89 -33.06
C ILE A 5 23.10 -13.94 -33.77
N TYR A 6 22.32 -14.97 -33.48
CA TYR A 6 20.94 -15.10 -33.97
C TYR A 6 19.99 -14.89 -32.80
N ALA A 7 19.23 -13.80 -32.86
CA ALA A 7 18.25 -13.48 -31.84
C ALA A 7 16.84 -13.83 -32.32
N PRO A 8 16.18 -14.79 -31.67
CA PRO A 8 14.94 -15.35 -32.18
C PRO A 8 13.72 -14.47 -31.94
N ALA A 9 12.62 -14.80 -32.60
CA ALA A 9 11.34 -14.11 -32.43
C ALA A 9 10.73 -14.47 -31.09
N SER A 10 9.93 -13.56 -30.54
CA SER A 10 9.38 -13.77 -29.21
C SER A 10 7.95 -13.23 -29.08
N ILE A 11 7.18 -13.85 -28.21
CA ILE A 11 5.82 -13.40 -27.95
C ILE A 11 5.82 -12.61 -26.67
N GLY A 12 5.50 -11.33 -26.76
CA GLY A 12 5.31 -10.51 -25.58
C GLY A 12 3.97 -10.76 -24.95
N ASN A 13 3.91 -10.67 -23.63
CA ASN A 13 2.64 -10.76 -22.94
C ASN A 13 2.09 -12.17 -22.89
N VAL A 14 2.03 -12.79 -24.05
CA VAL A 14 1.50 -14.14 -24.20
C VAL A 14 0.03 -14.12 -23.83
N SER A 15 -0.56 -12.94 -23.92
CA SER A 15 -1.99 -12.74 -23.85
C SER A 15 -2.56 -12.92 -22.45
N VAL A 16 -1.71 -13.09 -21.45
CA VAL A 16 -2.18 -13.14 -20.08
C VAL A 16 -1.35 -12.31 -19.11
N GLY A 17 -0.16 -11.93 -19.53
CA GLY A 17 0.78 -11.27 -18.65
C GLY A 17 1.42 -10.05 -19.27
N PHE A 18 0.67 -8.97 -19.37
CA PHE A 18 1.17 -7.79 -20.04
C PHE A 18 2.36 -7.29 -19.26
N ASP A 19 3.48 -7.15 -19.95
CA ASP A 19 4.68 -6.52 -19.44
C ASP A 19 5.50 -7.37 -18.49
N VAL A 20 5.02 -8.57 -18.18
CA VAL A 20 5.72 -9.42 -17.23
C VAL A 20 5.90 -10.88 -17.69
N LEU A 21 5.56 -11.18 -18.94
CA LEU A 21 5.65 -12.55 -19.41
C LEU A 21 5.93 -12.58 -20.90
N GLY A 22 6.82 -13.47 -21.32
CA GLY A 22 7.19 -13.58 -22.72
C GLY A 22 7.74 -14.95 -23.07
N ALA A 23 7.73 -15.28 -24.37
CA ALA A 23 8.21 -16.59 -24.81
C ALA A 23 8.88 -16.49 -26.16
N ALA A 24 10.09 -17.05 -26.27
CA ALA A 24 10.79 -17.11 -27.55
C ALA A 24 10.21 -18.24 -28.39
N VAL A 25 10.04 -18.00 -29.69
CA VAL A 25 9.46 -19.00 -30.58
C VAL A 25 10.44 -19.49 -31.64
N SER A 26 10.27 -20.74 -32.03
CA SER A 26 11.08 -21.35 -33.09
C SER A 26 10.17 -22.17 -33.99
N PRO A 27 10.12 -21.86 -35.30
CA PRO A 27 9.33 -22.72 -36.19
C PRO A 27 9.87 -24.16 -36.24
N ILE A 28 8.96 -25.12 -36.30
CA ILE A 28 9.31 -26.54 -36.25
C ILE A 28 10.07 -27.02 -37.49
N ASP A 29 9.83 -26.36 -38.63
CA ASP A 29 10.46 -26.77 -39.88
C ASP A 29 11.96 -26.50 -39.92
N GLY A 30 12.45 -25.70 -38.95
CA GLY A 30 13.88 -25.46 -38.81
C GLY A 30 14.31 -24.11 -39.37
N THR A 31 13.39 -23.41 -40.03
CA THR A 31 13.67 -22.09 -40.58
C THR A 31 14.04 -21.14 -39.45
N LEU A 32 14.83 -20.12 -39.76
CA LEU A 32 15.19 -19.13 -38.76
C LEU A 32 14.21 -17.97 -38.84
N LEU A 33 13.71 -17.57 -37.67
CA LEU A 33 12.80 -16.44 -37.55
C LEU A 33 13.41 -15.51 -36.52
N GLY A 34 14.18 -14.54 -36.99
CA GLY A 34 14.98 -13.71 -36.10
C GLY A 34 15.81 -12.73 -36.87
N ASP A 35 16.66 -12.01 -36.14
CA ASP A 35 17.62 -11.09 -36.72
C ASP A 35 19.01 -11.51 -36.31
N CYS A 36 20.00 -11.04 -37.07
CA CYS A 36 21.39 -11.46 -36.88
C CYS A 36 22.29 -10.24 -36.81
N VAL A 37 23.35 -10.34 -36.02
CA VAL A 37 24.33 -9.27 -35.90
C VAL A 37 25.73 -9.84 -35.97
N SER A 38 26.58 -9.28 -36.83
CA SER A 38 27.99 -9.69 -36.88
C SER A 38 28.90 -8.57 -36.36
N VAL A 39 29.92 -9.00 -35.62
CA VAL A 39 30.93 -8.10 -35.07
C VAL A 39 32.31 -8.64 -35.46
N THR A 40 33.19 -7.75 -35.94
CA THR A 40 34.57 -8.11 -36.29
C THR A 40 35.45 -6.93 -35.94
N ALA A 41 36.72 -7.18 -35.63
CA ALA A 41 37.66 -6.11 -35.29
C ALA A 41 37.85 -5.11 -36.46
N ALA A 42 38.08 -3.85 -36.14
CA ALA A 42 38.39 -2.84 -37.15
C ALA A 42 39.16 -1.73 -36.48
N GLU A 43 39.78 -0.86 -37.28
CA GLU A 43 40.42 0.34 -36.75
C GLU A 43 39.37 1.26 -36.17
N ARG A 44 38.35 1.54 -36.98
CA ARG A 44 37.25 2.44 -36.62
C ARG A 44 35.92 1.70 -36.61
N PHE A 45 34.93 2.29 -35.96
CA PHE A 45 33.60 1.71 -35.92
C PHE A 45 32.86 1.94 -37.24
N SER A 46 32.24 0.88 -37.75
CA SER A 46 31.29 1.02 -38.85
C SER A 46 30.09 0.12 -38.57
N LEU A 47 28.95 0.50 -39.14
CA LEU A 47 27.72 -0.26 -39.10
C LEU A 47 27.13 -0.25 -40.49
N HIS A 48 26.81 -1.43 -41.00
CA HIS A 48 26.11 -1.55 -42.27
C HIS A 48 24.93 -2.50 -42.07
N ASN A 49 23.86 -2.23 -42.79
CA ASN A 49 22.65 -3.01 -42.65
C ASN A 49 22.38 -3.81 -43.90
N GLU A 50 21.89 -5.03 -43.70
CA GLU A 50 21.54 -5.94 -44.79
C GLU A 50 20.18 -6.53 -44.49
N GLY A 51 19.71 -7.42 -45.37
CA GLY A 51 18.51 -8.21 -45.13
C GLY A 51 17.30 -7.68 -45.87
N ARG A 52 16.18 -8.39 -45.69
CA ARG A 52 14.95 -8.07 -46.41
C ARG A 52 14.39 -6.68 -46.06
N PHE A 53 14.54 -6.26 -44.81
CA PHE A 53 13.89 -5.03 -44.33
C PHE A 53 14.85 -3.89 -44.03
N VAL A 54 15.97 -3.86 -44.74
CA VAL A 54 16.99 -2.82 -44.62
C VAL A 54 16.39 -1.41 -44.79
N SER A 55 15.50 -1.25 -45.77
CA SER A 55 14.96 0.06 -46.12
C SER A 55 14.03 0.63 -45.03
N LYS A 56 13.53 -0.22 -44.15
CA LYS A 56 12.64 0.20 -43.05
C LYS A 56 13.40 0.80 -41.87
N LEU A 57 14.72 0.59 -41.82
CA LEU A 57 15.53 1.09 -40.71
C LEU A 57 15.59 2.63 -40.72
N PRO A 58 15.99 3.24 -39.59
CA PRO A 58 16.03 4.71 -39.53
C PRO A 58 16.95 5.35 -40.56
N ASP A 59 16.59 6.56 -40.98
CA ASP A 59 17.40 7.34 -41.91
C ASP A 59 18.55 8.01 -41.16
N ASP A 60 18.38 8.14 -39.85
CA ASP A 60 19.38 8.68 -38.95
C ASP A 60 20.19 7.51 -38.41
N PRO A 61 21.47 7.41 -38.82
CA PRO A 61 22.25 6.25 -38.38
C PRO A 61 22.34 6.11 -36.85
N LYS A 62 22.40 7.23 -36.14
CA LYS A 62 22.56 7.20 -34.68
C LYS A 62 21.33 6.70 -33.94
N GLN A 63 20.18 6.71 -34.60
CA GLN A 63 18.95 6.21 -33.98
C GLN A 63 18.68 4.73 -34.31
N ASN A 64 19.58 4.11 -35.06
CA ASN A 64 19.54 2.65 -35.29
C ASN A 64 19.71 1.90 -33.97
N ILE A 65 18.88 0.88 -33.75
CA ILE A 65 18.83 0.18 -32.47
C ILE A 65 20.17 -0.50 -32.16
N VAL A 66 20.82 -1.01 -33.19
CA VAL A 66 22.05 -1.75 -33.03
C VAL A 66 23.26 -0.83 -32.80
N TYR A 67 23.24 0.35 -33.43
CA TYR A 67 24.21 1.40 -33.11
C TYR A 67 24.12 1.77 -31.62
N GLN A 68 22.90 2.00 -31.15
CA GLN A 68 22.67 2.41 -29.75
C GLN A 68 23.07 1.33 -28.74
N CYS A 69 23.06 0.06 -29.16
CA CYS A 69 23.58 -1.05 -28.33
C CYS A 69 25.08 -0.92 -28.11
N TRP A 70 25.77 -0.53 -29.15
CA TRP A 70 27.21 -0.43 -29.16
C TRP A 70 27.66 0.77 -28.36
N GLU A 71 27.01 1.91 -28.56
CA GLU A 71 27.26 3.08 -27.74
C GLU A 71 27.00 2.79 -26.25
N ARG A 72 25.94 2.04 -25.94
CA ARG A 72 25.62 1.68 -24.55
C ARG A 72 26.58 0.67 -23.92
N PHE A 73 27.12 -0.22 -24.75
CA PHE A 73 28.06 -1.24 -24.30
C PHE A 73 29.44 -0.62 -24.03
N CYS A 74 29.84 0.32 -24.88
CA CYS A 74 31.07 1.07 -24.76
C CYS A 74 31.08 1.97 -23.53
N GLN A 75 29.94 2.57 -23.22
CA GLN A 75 29.77 3.34 -21.98
C GLN A 75 30.00 2.45 -20.75
N GLU A 76 29.40 1.27 -20.78
CA GLU A 76 29.58 0.29 -19.71
C GLU A 76 31.04 -0.13 -19.58
N MET A 77 31.74 -0.24 -20.70
CA MET A 77 33.16 -0.59 -20.72
C MET A 77 34.07 0.55 -20.30
N GLY A 78 33.62 1.79 -20.51
CA GLY A 78 34.45 2.97 -20.24
C GLY A 78 35.32 3.33 -21.43
N LYS A 79 35.13 2.63 -22.55
CA LYS A 79 35.98 2.80 -23.73
C LYS A 79 35.28 2.40 -25.01
N GLU A 80 35.70 3.02 -26.11
CA GLU A 80 35.17 2.73 -27.42
C GLU A 80 35.84 1.50 -28.00
N ILE A 81 35.04 0.55 -28.48
CA ILE A 81 35.53 -0.74 -28.98
C ILE A 81 35.37 -0.79 -30.51
N PRO A 82 36.45 -0.47 -31.25
CA PRO A 82 36.28 -0.35 -32.70
C PRO A 82 35.98 -1.69 -33.39
N VAL A 83 34.79 -1.77 -33.98
CA VAL A 83 34.33 -2.98 -34.67
C VAL A 83 33.64 -2.63 -35.97
N ALA A 84 33.66 -3.56 -36.92
CA ALA A 84 32.78 -3.52 -38.08
C ALA A 84 31.55 -4.33 -37.69
N MET A 85 30.42 -3.67 -37.58
CA MET A 85 29.17 -4.28 -37.13
C MET A 85 28.27 -4.43 -38.35
N VAL A 86 27.53 -5.54 -38.45
CA VAL A 86 26.52 -5.68 -39.51
C VAL A 86 25.21 -6.21 -38.92
N LEU A 87 24.12 -5.50 -39.21
CA LEU A 87 22.77 -5.92 -38.85
C LEU A 87 22.09 -6.53 -40.07
N GLU A 88 21.60 -7.76 -39.92
CA GLU A 88 20.84 -8.42 -40.96
C GLU A 88 19.39 -8.45 -40.46
N LYS A 89 18.57 -7.56 -41.00
CA LYS A 89 17.19 -7.39 -40.57
C LYS A 89 16.25 -8.27 -41.39
N ASN A 90 16.06 -9.49 -40.91
CA ASN A 90 15.17 -10.45 -41.57
C ASN A 90 13.75 -10.44 -41.02
N MET A 91 13.50 -9.61 -40.00
CA MET A 91 12.17 -9.53 -39.37
C MET A 91 11.53 -8.15 -39.62
N PRO A 92 10.20 -8.11 -39.85
CA PRO A 92 9.53 -6.83 -40.11
C PRO A 92 9.40 -5.95 -38.86
N ILE A 93 9.53 -4.65 -39.05
CA ILE A 93 9.52 -3.69 -37.96
C ILE A 93 8.11 -3.35 -37.53
N GLY A 94 7.84 -3.45 -36.24
CA GLY A 94 6.54 -3.12 -35.68
C GLY A 94 5.49 -4.13 -36.06
N SER A 95 5.88 -5.41 -36.08
CA SER A 95 5.00 -6.49 -36.54
C SER A 95 4.42 -7.33 -35.42
N GLY A 96 5.08 -7.33 -34.27
CA GLY A 96 4.63 -8.10 -33.09
C GLY A 96 5.46 -9.33 -32.79
N LEU A 97 6.58 -9.48 -33.51
CA LEU A 97 7.42 -10.69 -33.41
C LEU A 97 8.68 -10.49 -32.56
N GLY A 98 8.77 -9.36 -31.86
CA GLY A 98 9.90 -9.07 -31.00
C GLY A 98 11.03 -8.50 -31.83
N SER A 99 10.66 -7.65 -32.78
CA SER A 99 11.60 -7.12 -33.76
C SER A 99 12.66 -6.20 -33.17
N SER A 100 12.26 -5.32 -32.28
CA SER A 100 13.21 -4.41 -31.67
C SER A 100 14.05 -5.19 -30.66
N ALA A 101 13.43 -6.18 -30.01
CA ALA A 101 14.13 -7.01 -29.04
C ALA A 101 15.20 -7.88 -29.70
N CYS A 102 14.88 -8.46 -30.85
CA CYS A 102 15.84 -9.22 -31.66
C CYS A 102 17.10 -8.41 -31.95
N SER A 103 16.89 -7.17 -32.38
CA SER A 103 17.97 -6.24 -32.69
C SER A 103 18.72 -5.74 -31.45
N VAL A 104 18.09 -5.76 -30.29
CA VAL A 104 18.77 -5.34 -29.05
C VAL A 104 19.57 -6.49 -28.47
N VAL A 105 18.92 -7.65 -28.38
CA VAL A 105 19.58 -8.84 -27.85
C VAL A 105 20.80 -9.23 -28.71
N ALA A 106 20.60 -9.27 -30.03
CA ALA A 106 21.64 -9.68 -30.97
C ALA A 106 22.84 -8.75 -30.91
N GLY A 107 22.59 -7.45 -30.84
CA GLY A 107 23.65 -6.44 -30.82
C GLY A 107 24.45 -6.42 -29.53
N LEU A 108 23.77 -6.49 -28.39
CA LEU A 108 24.43 -6.49 -27.07
C LEU A 108 25.07 -7.83 -26.71
N MET A 109 24.44 -8.93 -27.13
CA MET A 109 25.07 -10.26 -27.00
C MET A 109 26.26 -10.39 -27.94
N ALA A 110 26.14 -9.84 -29.15
CA ALA A 110 27.24 -9.84 -30.12
C ALA A 110 28.47 -9.12 -29.57
N MET A 111 28.26 -7.96 -28.95
CA MET A 111 29.36 -7.19 -28.37
C MET A 111 29.95 -7.83 -27.11
N ASN A 112 29.08 -8.38 -26.26
CA ASN A 112 29.54 -9.00 -25.03
C ASN A 112 30.35 -10.27 -25.27
N GLU A 113 29.95 -11.04 -26.28
CA GLU A 113 30.65 -12.27 -26.66
C GLU A 113 31.98 -11.97 -27.36
N PHE A 114 32.00 -10.93 -28.20
CA PHE A 114 33.20 -10.47 -28.90
C PHE A 114 34.30 -10.08 -27.91
N CYS A 115 33.90 -9.49 -26.78
CA CYS A 115 34.84 -8.95 -25.79
C CYS A 115 35.20 -9.94 -24.69
N GLY A 116 34.62 -11.13 -24.74
CA GLY A 116 34.95 -12.22 -23.81
C GLY A 116 34.11 -12.27 -22.54
N GLN A 117 32.81 -12.02 -22.69
CA GLN A 117 31.85 -12.10 -21.57
C GLN A 117 32.22 -11.30 -20.29
N PRO A 118 32.58 -10.01 -20.44
CA PRO A 118 32.81 -9.14 -19.26
C PRO A 118 31.56 -8.92 -18.40
N LEU A 119 30.40 -8.84 -19.04
CA LEU A 119 29.16 -8.52 -18.35
C LEU A 119 28.32 -9.76 -18.05
N ASP A 120 27.72 -9.80 -16.87
CA ASP A 120 26.89 -10.94 -16.48
C ASP A 120 25.45 -10.78 -16.97
N LYS A 121 24.66 -11.80 -16.71
CA LYS A 121 23.29 -11.90 -17.19
C LYS A 121 22.43 -10.69 -16.78
N VAL A 122 22.54 -10.29 -15.52
CA VAL A 122 21.63 -9.29 -14.95
C VAL A 122 21.94 -7.91 -15.50
N THR A 123 23.22 -7.59 -15.62
CA THR A 123 23.67 -6.32 -16.16
C THR A 123 23.25 -6.20 -17.63
N LEU A 124 23.58 -7.21 -18.43
CA LEU A 124 23.29 -7.19 -19.86
C LEU A 124 21.78 -7.16 -20.14
N LEU A 125 21.02 -8.02 -19.47
CA LEU A 125 19.56 -8.03 -19.60
C LEU A 125 18.95 -6.70 -19.12
N GLY A 126 19.47 -6.15 -18.03
CA GLY A 126 19.12 -4.80 -17.58
C GLY A 126 19.43 -3.72 -18.62
N MET A 127 20.52 -3.88 -19.35
CA MET A 127 20.90 -2.97 -20.43
C MET A 127 19.99 -3.15 -21.66
N MET A 128 19.60 -4.40 -21.94
CA MET A 128 18.66 -4.72 -23.04
C MET A 128 17.27 -4.05 -22.86
N GLY A 129 16.71 -4.16 -21.66
CA GLY A 129 15.45 -3.50 -21.34
C GLY A 129 15.59 -1.98 -21.37
N GLU A 130 16.72 -1.51 -20.88
CA GLU A 130 17.05 -0.10 -20.99
C GLU A 130 16.85 0.42 -22.42
N LEU A 131 17.33 -0.34 -23.41
CA LEU A 131 17.27 0.10 -24.81
C LEU A 131 15.90 -0.09 -25.48
N GLU A 132 15.11 -1.03 -24.97
CA GLU A 132 13.70 -1.13 -25.34
C GLU A 132 12.93 0.14 -24.99
N GLY A 133 13.25 0.72 -23.83
CA GLY A 133 12.66 1.99 -23.40
C GLY A 133 12.86 3.14 -24.38
N ARG A 134 14.08 3.29 -24.86
CA ARG A 134 14.39 4.33 -25.84
C ARG A 134 13.68 4.09 -27.18
N VAL A 135 13.40 2.83 -27.51
CA VAL A 135 12.68 2.49 -28.73
C VAL A 135 11.19 2.83 -28.64
N SER A 136 10.52 2.36 -27.59
CA SER A 136 9.07 2.52 -27.45
C SER A 136 8.64 3.57 -26.41
N GLY A 137 9.61 4.15 -25.70
CA GLY A 137 9.33 5.08 -24.62
C GLY A 137 9.08 4.41 -23.27
N SER A 138 9.20 3.08 -23.22
CA SER A 138 8.94 2.33 -21.99
C SER A 138 9.89 1.13 -21.83
N ILE A 139 10.56 1.07 -20.68
CA ILE A 139 11.36 -0.10 -20.33
C ILE A 139 10.42 -1.27 -20.05
N HIS A 140 10.61 -2.37 -20.79
CA HIS A 140 9.95 -3.62 -20.49
C HIS A 140 10.85 -4.79 -20.89
N PHE A 141 10.75 -5.88 -20.15
CA PHE A 141 11.67 -7.00 -20.28
C PHE A 141 11.02 -8.24 -20.89
N ASP A 142 9.78 -8.14 -21.33
CA ASP A 142 9.03 -9.33 -21.74
C ASP A 142 9.33 -9.84 -23.17
N ASN A 143 10.04 -9.03 -23.96
CA ASN A 143 10.58 -9.53 -25.23
C ASN A 143 12.08 -9.86 -25.14
N VAL A 144 12.90 -8.94 -24.63
CA VAL A 144 14.35 -9.19 -24.55
C VAL A 144 14.72 -10.40 -23.67
N ALA A 145 14.05 -10.58 -22.54
CA ALA A 145 14.39 -11.68 -21.61
C ALA A 145 14.22 -13.11 -22.17
N PRO A 146 13.12 -13.37 -22.92
CA PRO A 146 13.02 -14.67 -23.59
C PRO A 146 13.86 -14.77 -24.88
N CYS A 147 13.93 -13.69 -25.65
CA CYS A 147 14.81 -13.65 -26.80
C CYS A 147 16.22 -14.06 -26.39
N TYR A 148 16.62 -13.60 -25.21
CA TYR A 148 17.94 -13.82 -24.67
C TYR A 148 18.11 -15.20 -24.05
N LEU A 149 17.24 -15.54 -23.10
CA LEU A 149 17.40 -16.73 -22.27
C LEU A 149 16.57 -17.90 -22.75
N GLY A 150 15.69 -17.66 -23.72
CA GLY A 150 14.84 -18.70 -24.27
C GLY A 150 13.73 -19.14 -23.33
N GLY A 151 12.77 -19.87 -23.90
CA GLY A 151 11.68 -20.47 -23.14
C GLY A 151 10.65 -19.42 -22.83
N MET A 152 9.94 -19.63 -21.72
CA MET A 152 9.00 -18.64 -21.23
C MET A 152 9.63 -17.99 -20.01
N GLN A 153 9.69 -16.66 -20.03
CA GLN A 153 10.31 -15.88 -18.95
C GLN A 153 9.30 -14.98 -18.21
N LEU A 154 9.24 -15.15 -16.89
CA LEU A 154 8.42 -14.31 -16.02
C LEU A 154 9.27 -13.20 -15.41
N ILE A 155 8.85 -11.95 -15.64
CA ILE A 155 9.63 -10.78 -15.22
C ILE A 155 9.43 -10.44 -13.74
N LEU A 156 10.51 -10.55 -12.99
CA LEU A 156 10.54 -10.40 -11.53
C LEU A 156 11.76 -9.58 -11.21
N GLU A 157 11.63 -8.27 -11.17
CA GLU A 157 12.81 -7.41 -11.13
C GLU A 157 13.44 -7.39 -9.73
N GLN A 158 14.20 -8.44 -9.43
CA GLN A 158 14.89 -8.61 -8.15
C GLN A 158 16.38 -8.30 -8.27
N GLU A 159 17.04 -8.17 -7.12
CA GLU A 159 18.45 -7.80 -7.08
C GLU A 159 19.33 -8.75 -7.89
N GLY A 160 19.06 -10.05 -7.77
CA GLY A 160 19.89 -11.08 -8.41
C GLY A 160 19.52 -11.52 -9.81
N TYR A 161 18.35 -11.09 -10.31
CA TYR A 161 17.85 -11.56 -11.62
C TYR A 161 16.63 -10.77 -12.06
N ILE A 162 16.49 -10.61 -13.37
CA ILE A 162 15.36 -9.89 -13.92
C ILE A 162 14.20 -10.84 -14.17
N SER A 163 14.51 -12.08 -14.57
CA SER A 163 13.47 -13.07 -14.86
C SER A 163 13.77 -14.47 -14.30
N GLN A 164 12.74 -15.31 -14.28
CA GLN A 164 12.89 -16.75 -14.04
C GLN A 164 12.05 -17.53 -15.07
N ASP A 165 12.46 -18.76 -15.33
CA ASP A 165 11.85 -19.63 -16.35
C ASP A 165 10.50 -20.16 -15.91
N VAL A 166 9.56 -20.25 -16.85
CA VAL A 166 8.26 -20.86 -16.57
C VAL A 166 8.12 -22.16 -17.39
N PRO A 167 7.87 -23.30 -16.72
CA PRO A 167 7.60 -24.58 -17.38
C PRO A 167 6.47 -24.50 -18.42
N GLY A 168 6.67 -25.15 -19.56
CA GLY A 168 5.72 -25.12 -20.65
C GLY A 168 5.04 -26.46 -20.79
N PHE A 169 4.32 -26.64 -21.89
CA PHE A 169 3.68 -27.91 -22.21
C PHE A 169 4.27 -28.39 -23.53
N SER A 170 5.04 -29.47 -23.48
CA SER A 170 5.72 -29.99 -24.68
C SER A 170 4.77 -30.29 -25.84
N ASP A 171 3.53 -30.61 -25.53
CA ASP A 171 2.47 -30.82 -26.54
C ASP A 171 2.15 -29.59 -27.39
N TRP A 172 2.27 -28.40 -26.81
CA TRP A 172 1.76 -27.17 -27.40
C TRP A 172 2.55 -26.71 -28.63
N LEU A 173 1.83 -26.48 -29.72
CA LEU A 173 2.37 -25.77 -30.87
C LEU A 173 1.77 -24.36 -30.89
N TRP A 174 2.52 -23.42 -31.45
CA TRP A 174 2.18 -21.99 -31.39
C TRP A 174 2.16 -21.44 -32.81
N VAL A 175 0.98 -21.40 -33.42
CA VAL A 175 0.89 -21.02 -34.82
C VAL A 175 0.92 -19.51 -34.91
N MET A 176 1.93 -18.99 -35.60
CA MET A 176 2.22 -17.57 -35.61
C MET A 176 1.85 -17.00 -36.97
N ALA A 177 1.09 -15.90 -36.98
CA ALA A 177 0.55 -15.36 -38.24
C ALA A 177 0.74 -13.87 -38.32
N TYR A 178 1.82 -13.47 -38.99
CA TYR A 178 2.07 -12.06 -39.27
C TYR A 178 1.26 -11.63 -40.48
N PRO A 179 0.43 -10.59 -40.33
CA PRO A 179 -0.52 -10.23 -41.39
C PRO A 179 -0.02 -9.35 -42.52
N GLY A 180 1.20 -8.84 -42.41
CA GLY A 180 1.77 -8.02 -43.48
C GLY A 180 1.65 -6.53 -43.24
N ILE A 181 1.17 -6.16 -42.07
CA ILE A 181 1.09 -4.75 -41.70
C ILE A 181 1.81 -4.53 -40.37
N LYS A 182 2.14 -3.27 -40.10
CA LYS A 182 2.84 -2.91 -38.88
C LYS A 182 2.03 -1.98 -37.98
N VAL A 183 2.25 -2.13 -36.68
CA VAL A 183 1.79 -1.20 -35.67
C VAL A 183 3.02 -0.80 -34.87
N SER A 184 3.10 0.46 -34.47
CA SER A 184 4.20 0.93 -33.64
C SER A 184 4.00 0.38 -32.24
N THR A 185 5.08 0.04 -31.55
CA THR A 185 4.98 -0.37 -30.15
C THR A 185 4.51 0.81 -29.32
N ALA A 186 5.00 2.00 -29.67
CA ALA A 186 4.67 3.23 -28.96
C ALA A 186 3.20 3.60 -29.06
N GLU A 187 2.66 3.57 -30.28
CA GLU A 187 1.26 3.93 -30.49
C GLU A 187 0.34 2.91 -29.81
N ALA A 188 0.63 1.62 -29.99
CA ALA A 188 -0.16 0.54 -29.37
C ALA A 188 -0.15 0.57 -27.83
N ARG A 189 0.82 1.27 -27.25
CA ARG A 189 0.90 1.42 -25.82
C ARG A 189 0.10 2.65 -25.34
N ALA A 190 0.20 3.75 -26.10
CA ALA A 190 -0.47 5.01 -25.72
C ALA A 190 -1.99 4.95 -25.88
N ILE A 191 -2.48 4.06 -26.74
CA ILE A 191 -3.93 3.86 -26.92
C ILE A 191 -4.57 3.02 -25.81
N LEU A 192 -3.73 2.46 -24.94
CA LEU A 192 -4.23 1.82 -23.72
C LEU A 192 -4.85 2.89 -22.82
N PRO A 193 -5.91 2.54 -22.09
CA PRO A 193 -6.50 3.49 -21.13
C PRO A 193 -5.63 3.65 -19.89
N ALA A 194 -5.75 4.81 -19.27
CA ALA A 194 -4.96 5.16 -18.11
C ALA A 194 -5.53 4.50 -16.86
N GLN A 195 -6.78 4.07 -16.93
CA GLN A 195 -7.46 3.51 -15.75
C GLN A 195 -8.36 2.33 -16.09
N TYR A 196 -8.52 1.45 -15.12
CA TYR A 196 -9.32 0.25 -15.30
C TYR A 196 -10.19 0.05 -14.09
N ARG A 197 -11.35 -0.58 -14.31
CA ARG A 197 -12.27 -0.88 -13.23
C ARG A 197 -11.60 -1.85 -12.26
N ARG A 198 -11.84 -1.66 -10.97
CA ARG A 198 -11.28 -2.56 -9.94
C ARG A 198 -11.33 -4.02 -10.36
N GLN A 199 -12.47 -4.43 -10.90
CA GLN A 199 -12.73 -5.82 -11.20
C GLN A 199 -11.87 -6.40 -12.33
N ASP A 200 -11.46 -5.55 -13.26
CA ASP A 200 -10.47 -5.92 -14.26
C ASP A 200 -9.13 -6.27 -13.63
N CYS A 201 -8.72 -5.56 -12.57
CA CYS A 201 -7.44 -5.84 -11.91
C CYS A 201 -7.55 -7.06 -10.99
N ILE A 202 -8.72 -7.29 -10.40
CA ILE A 202 -8.95 -8.55 -9.68
C ILE A 202 -8.86 -9.76 -10.60
N THR A 203 -9.40 -9.60 -11.81
CA THR A 203 -9.56 -10.68 -12.78
C THR A 203 -8.22 -10.94 -13.49
N HIS A 204 -7.52 -9.87 -13.83
CA HIS A 204 -6.17 -9.94 -14.40
C HIS A 204 -5.22 -10.71 -13.46
N GLY A 205 -5.32 -10.43 -12.18
CA GLY A 205 -4.58 -11.16 -11.14
C GLY A 205 -4.92 -12.63 -11.09
N ARG A 206 -6.20 -12.94 -10.89
CA ARG A 206 -6.69 -14.31 -10.94
C ARG A 206 -6.18 -15.03 -12.20
N ASN A 207 -6.36 -14.41 -13.36
CA ASN A 207 -5.90 -14.98 -14.64
C ASN A 207 -4.39 -15.30 -14.69
N LEU A 208 -3.56 -14.35 -14.25
CA LEU A 208 -2.10 -14.59 -14.26
C LEU A 208 -1.73 -15.64 -13.23
N ALA A 209 -2.30 -15.50 -12.03
CA ALA A 209 -2.05 -16.42 -10.92
C ALA A 209 -2.43 -17.85 -11.24
N GLY A 210 -3.52 -18.03 -11.98
CA GLY A 210 -3.95 -19.34 -12.40
C GLY A 210 -3.09 -19.92 -13.51
N PHE A 211 -2.63 -19.06 -14.42
CA PHE A 211 -1.79 -19.47 -15.54
C PHE A 211 -0.46 -20.00 -15.06
N ILE A 212 0.12 -19.31 -14.08
CA ILE A 212 1.39 -19.70 -13.51
C ILE A 212 1.21 -20.98 -12.70
N HIS A 213 0.21 -20.99 -11.82
CA HIS A 213 -0.14 -22.18 -11.03
C HIS A 213 -0.34 -23.42 -11.91
N ALA A 214 -0.88 -23.23 -13.10
CA ALA A 214 -1.18 -24.33 -14.00
C ALA A 214 0.07 -24.88 -14.70
N CYS A 215 1.03 -23.99 -14.96
CA CYS A 215 2.26 -24.37 -15.64
C CYS A 215 3.11 -25.24 -14.72
N HIS A 216 3.24 -24.82 -13.47
CA HIS A 216 3.97 -25.56 -12.44
C HIS A 216 3.29 -26.87 -12.01
N THR A 217 1.97 -26.97 -12.19
CA THR A 217 1.26 -28.21 -11.90
C THR A 217 0.94 -28.96 -13.18
N GLN A 218 1.37 -28.41 -14.31
CA GLN A 218 1.19 -29.03 -15.63
C GLN A 218 -0.25 -29.41 -15.95
N GLN A 219 -1.15 -28.44 -15.74
CA GLN A 219 -2.57 -28.58 -16.12
C GLN A 219 -2.85 -27.73 -17.34
N PRO A 220 -2.74 -28.32 -18.55
CA PRO A 220 -2.82 -27.51 -19.78
C PRO A 220 -4.18 -26.92 -20.10
N ASP A 221 -5.26 -27.56 -19.64
CA ASP A 221 -6.59 -27.07 -19.95
C ASP A 221 -6.81 -25.76 -19.19
N LEU A 222 -6.62 -25.83 -17.89
CA LEU A 222 -6.72 -24.69 -16.99
C LEU A 222 -5.89 -23.53 -17.52
N ALA A 223 -4.65 -23.84 -17.89
CA ALA A 223 -3.72 -22.84 -18.43
C ALA A 223 -4.35 -22.05 -19.57
N ALA A 224 -4.99 -22.76 -20.50
CA ALA A 224 -5.63 -22.15 -21.66
C ALA A 224 -6.80 -21.25 -21.25
N LYS A 225 -7.60 -21.73 -20.30
CA LYS A 225 -8.74 -20.94 -19.80
C LYS A 225 -8.30 -19.67 -19.06
N MET A 226 -7.11 -19.68 -18.46
CA MET A 226 -6.56 -18.49 -17.82
C MET A 226 -5.84 -17.56 -18.81
N MET A 227 -5.62 -18.01 -20.04
CA MET A 227 -4.95 -17.17 -21.06
C MET A 227 -5.91 -16.15 -21.64
N LYS A 228 -6.23 -15.17 -20.81
CA LYS A 228 -7.17 -14.10 -21.17
C LYS A 228 -6.53 -12.79 -20.76
N ASP A 229 -6.53 -11.82 -21.67
CA ASP A 229 -5.92 -10.52 -21.39
C ASP A 229 -6.99 -9.43 -21.38
N VAL A 230 -7.25 -8.90 -20.18
CA VAL A 230 -8.24 -7.82 -19.99
C VAL A 230 -7.60 -6.43 -19.96
N ILE A 231 -6.29 -6.36 -20.19
CA ILE A 231 -5.56 -5.13 -20.02
C ILE A 231 -5.34 -4.43 -21.34
N ALA A 232 -4.81 -5.15 -22.31
CA ALA A 232 -4.41 -4.55 -23.58
C ALA A 232 -5.26 -5.00 -24.76
N GLU A 233 -5.69 -6.26 -24.77
CA GLU A 233 -6.35 -6.80 -25.95
C GLU A 233 -7.62 -6.05 -26.32
N PRO A 234 -8.52 -5.83 -25.35
CA PRO A 234 -9.77 -5.11 -25.69
C PRO A 234 -9.56 -3.75 -26.37
N TYR A 235 -8.41 -3.12 -26.14
CA TYR A 235 -8.15 -1.78 -26.66
C TYR A 235 -7.27 -1.77 -27.90
N ARG A 236 -6.73 -2.94 -28.27
CA ARG A 236 -5.79 -3.05 -29.38
C ARG A 236 -6.33 -3.77 -30.59
N THR A 237 -7.41 -4.54 -30.42
CA THR A 237 -7.93 -5.37 -31.49
C THR A 237 -8.62 -4.54 -32.57
N GLN A 238 -8.89 -3.27 -32.25
CA GLN A 238 -9.41 -2.29 -33.21
C GLN A 238 -8.34 -1.92 -34.26
N LEU A 239 -7.08 -2.08 -33.88
CA LEU A 239 -5.95 -1.83 -34.77
C LEU A 239 -5.52 -3.09 -35.52
N LEU A 240 -6.19 -4.22 -35.26
CA LEU A 240 -5.87 -5.49 -35.92
C LEU A 240 -7.03 -5.94 -36.80
N PRO A 241 -7.13 -5.37 -38.01
CA PRO A 241 -8.20 -5.81 -38.90
C PRO A 241 -8.18 -7.33 -39.09
N GLY A 242 -9.29 -7.99 -38.74
CA GLY A 242 -9.46 -9.40 -38.94
C GLY A 242 -9.17 -10.29 -37.74
N PHE A 243 -8.64 -9.72 -36.66
CA PHE A 243 -8.30 -10.54 -35.47
C PHE A 243 -9.50 -11.26 -34.86
N ALA A 244 -10.63 -10.57 -34.73
CA ALA A 244 -11.79 -11.13 -34.01
C ALA A 244 -12.40 -12.33 -34.75
N ALA A 245 -12.40 -12.23 -36.08
CA ALA A 245 -12.73 -13.35 -36.95
C ALA A 245 -11.74 -14.52 -36.77
N ALA A 246 -10.46 -14.19 -36.66
CA ALA A 246 -9.44 -15.23 -36.48
C ALA A 246 -9.67 -16.00 -35.19
N ARG A 247 -10.05 -15.28 -34.13
CA ARG A 247 -10.34 -15.92 -32.83
C ARG A 247 -11.56 -16.84 -32.90
N GLN A 248 -12.63 -16.38 -33.54
CA GLN A 248 -13.83 -17.21 -33.73
C GLN A 248 -13.51 -18.54 -34.43
N ALA A 249 -12.82 -18.45 -35.57
CA ALA A 249 -12.40 -19.64 -36.31
C ALA A 249 -11.48 -20.51 -35.46
N ALA A 250 -10.54 -19.87 -34.75
CA ALA A 250 -9.60 -20.59 -33.89
C ALA A 250 -10.31 -21.48 -32.86
N GLN A 251 -11.40 -21.01 -32.31
CA GLN A 251 -12.22 -21.84 -31.43
C GLN A 251 -12.89 -22.97 -32.19
N ASP A 252 -13.51 -22.64 -33.32
CA ASP A 252 -14.21 -23.62 -34.14
C ASP A 252 -13.29 -24.76 -34.55
N ILE A 253 -12.07 -24.41 -34.94
CA ILE A 253 -11.06 -25.37 -35.39
C ILE A 253 -10.49 -26.19 -34.21
N GLY A 254 -10.50 -25.60 -33.02
CA GLY A 254 -10.08 -26.32 -31.80
C GLY A 254 -8.74 -25.91 -31.20
N ALA A 255 -8.29 -24.69 -31.49
CA ALA A 255 -7.14 -24.13 -30.76
C ALA A 255 -7.50 -24.00 -29.28
N LEU A 256 -6.50 -24.13 -28.41
CA LEU A 256 -6.69 -23.98 -26.97
C LEU A 256 -6.81 -22.52 -26.56
N ALA A 257 -6.10 -21.66 -27.28
CA ALA A 257 -6.21 -20.23 -27.08
C ALA A 257 -5.71 -19.48 -28.29
N CYS A 258 -6.09 -18.22 -28.37
CA CYS A 258 -5.69 -17.34 -29.46
C CYS A 258 -5.40 -15.96 -28.87
N GLY A 259 -4.39 -15.28 -29.38
CA GLY A 259 -4.05 -14.00 -28.82
C GLY A 259 -3.14 -13.16 -29.69
N ILE A 260 -2.95 -11.92 -29.26
CA ILE A 260 -2.05 -11.01 -29.92
C ILE A 260 -0.65 -11.34 -29.43
N SER A 261 0.32 -11.14 -30.31
CA SER A 261 1.72 -11.36 -30.03
C SER A 261 2.30 -9.98 -29.82
N GLY A 262 2.83 -9.76 -28.62
CA GLY A 262 3.28 -8.44 -28.22
C GLY A 262 2.18 -7.43 -28.44
N SER A 263 2.55 -6.29 -29.02
CA SER A 263 1.57 -5.29 -29.46
C SER A 263 0.88 -5.60 -30.81
N GLY A 264 1.18 -6.74 -31.43
CA GLY A 264 0.55 -7.09 -32.73
C GLY A 264 1.30 -6.44 -33.87
N PRO A 265 0.77 -6.50 -35.11
CA PRO A 265 -0.47 -7.20 -35.45
C PRO A 265 -0.36 -8.72 -35.60
N THR A 266 0.85 -9.25 -35.43
CA THR A 266 1.02 -10.68 -35.44
C THR A 266 0.14 -11.31 -34.37
N LEU A 267 -0.35 -12.50 -34.68
CA LEU A 267 -1.24 -13.23 -33.83
C LEU A 267 -0.57 -14.55 -33.49
N PHE A 268 -0.99 -15.19 -32.41
CA PHE A 268 -0.55 -16.54 -32.13
C PHE A 268 -1.75 -17.39 -31.73
N ALA A 269 -1.73 -18.67 -32.10
CA ALA A 269 -2.78 -19.59 -31.71
C ALA A 269 -2.20 -20.89 -31.21
N VAL A 270 -2.61 -21.29 -30.01
CA VAL A 270 -2.11 -22.48 -29.36
C VAL A 270 -2.90 -23.71 -29.77
N CYS A 271 -2.20 -24.75 -30.20
CA CYS A 271 -2.80 -26.04 -30.53
C CYS A 271 -1.99 -27.14 -29.87
N ASN A 272 -2.65 -28.23 -29.49
CA ASN A 272 -1.95 -29.35 -28.85
C ASN A 272 -1.94 -30.65 -29.66
N ASP A 273 -2.08 -30.53 -30.98
CA ASP A 273 -1.62 -31.59 -31.88
C ASP A 273 -1.25 -31.02 -33.25
N GLN A 274 -0.68 -31.86 -34.11
CA GLN A 274 -0.18 -31.43 -35.42
C GLN A 274 -1.28 -31.24 -36.44
N ALA A 275 -2.35 -32.03 -36.32
CA ALA A 275 -3.49 -31.94 -37.22
C ALA A 275 -4.24 -30.62 -37.06
N THR A 276 -4.41 -30.19 -35.80
CA THR A 276 -5.09 -28.93 -35.50
C THR A 276 -4.27 -27.73 -35.95
N ALA A 277 -2.99 -27.72 -35.59
CA ALA A 277 -2.08 -26.64 -35.96
C ALA A 277 -1.98 -26.41 -37.46
N GLN A 278 -2.08 -27.50 -38.22
CA GLN A 278 -2.00 -27.45 -39.69
C GLN A 278 -3.24 -26.80 -40.31
N ARG A 279 -4.41 -27.16 -39.80
CA ARG A 279 -5.68 -26.55 -40.21
C ARG A 279 -5.74 -25.05 -39.85
N MET A 280 -5.24 -24.72 -38.66
CA MET A 280 -5.19 -23.33 -38.16
C MET A 280 -4.27 -22.50 -39.02
N ALA A 281 -3.10 -23.06 -39.29
CA ALA A 281 -2.09 -22.42 -40.13
C ALA A 281 -2.60 -22.20 -41.55
N GLY A 282 -3.35 -23.18 -42.06
CA GLY A 282 -3.97 -23.10 -43.39
C GLY A 282 -4.98 -21.98 -43.49
N TRP A 283 -5.86 -21.90 -42.49
CA TRP A 283 -6.87 -20.85 -42.38
C TRP A 283 -6.26 -19.44 -42.29
N LEU A 284 -5.25 -19.28 -41.44
CA LEU A 284 -4.63 -17.97 -41.22
C LEU A 284 -3.96 -17.42 -42.48
N GLN A 285 -3.32 -18.31 -43.24
CA GLN A 285 -2.79 -17.97 -44.55
C GLN A 285 -3.88 -17.46 -45.48
N ASN A 286 -4.98 -18.19 -45.50
CA ASN A 286 -6.07 -17.84 -46.41
C ASN A 286 -6.88 -16.60 -45.96
N HIS A 287 -6.88 -16.30 -44.65
CA HIS A 287 -7.82 -15.33 -44.08
C HIS A 287 -7.29 -14.23 -43.15
N TYR A 288 -6.17 -14.46 -42.46
CA TYR A 288 -5.63 -13.44 -41.56
C TYR A 288 -4.63 -12.52 -42.26
N LEU A 289 -3.95 -13.03 -43.29
CA LEU A 289 -3.02 -12.20 -44.06
C LEU A 289 -3.74 -11.11 -44.85
N GLN A 290 -3.17 -9.90 -44.83
CA GLN A 290 -3.75 -8.73 -45.48
C GLN A 290 -3.07 -8.42 -46.81
N ASN A 291 -1.88 -8.99 -47.03
CA ASN A 291 -1.15 -8.79 -48.29
C ASN A 291 -0.12 -9.92 -48.51
N ASP A 292 0.81 -9.71 -49.45
CA ASP A 292 1.85 -10.70 -49.78
C ASP A 292 3.04 -10.69 -48.82
N GLU A 293 3.23 -9.61 -48.06
CA GLU A 293 4.32 -9.55 -47.08
C GLU A 293 4.07 -10.44 -45.86
N GLY A 294 2.83 -10.89 -45.67
CA GLY A 294 2.48 -11.74 -44.53
C GLY A 294 3.03 -13.16 -44.59
N PHE A 295 3.09 -13.82 -43.43
CA PHE A 295 3.47 -15.24 -43.36
C PHE A 295 2.93 -15.94 -42.11
N VAL A 296 2.97 -17.28 -42.16
CA VAL A 296 2.55 -18.15 -41.08
C VAL A 296 3.63 -19.22 -40.83
N HIS A 297 3.90 -19.49 -39.56
CA HIS A 297 4.88 -20.51 -39.17
C HIS A 297 4.39 -21.24 -37.93
N ILE A 298 4.20 -22.56 -38.03
CA ILE A 298 3.87 -23.37 -36.86
C ILE A 298 5.13 -23.46 -36.03
N CYS A 299 5.06 -23.04 -34.76
CA CYS A 299 6.26 -22.93 -33.93
C CYS A 299 6.19 -23.72 -32.63
N ARG A 300 7.35 -23.89 -32.02
CA ARG A 300 7.44 -24.31 -30.63
C ARG A 300 8.32 -23.30 -29.87
N LEU A 301 8.36 -23.46 -28.55
CA LEU A 301 9.21 -22.61 -27.75
C LEU A 301 10.64 -22.84 -28.20
N ASP A 302 11.44 -21.77 -28.18
CA ASP A 302 12.87 -21.87 -28.42
C ASP A 302 13.57 -21.92 -27.06
N THR A 303 14.07 -23.10 -26.69
CA THR A 303 14.69 -23.29 -25.37
C THR A 303 16.12 -22.76 -25.27
N ALA A 304 16.70 -22.42 -26.43
CA ALA A 304 18.05 -21.90 -26.49
C ALA A 304 18.13 -20.37 -26.26
N GLY A 305 17.26 -19.62 -26.93
CA GLY A 305 17.36 -18.18 -26.94
C GLY A 305 18.37 -17.73 -27.97
N ALA A 306 18.94 -16.55 -27.78
CA ALA A 306 19.92 -16.01 -28.73
C ALA A 306 21.22 -16.80 -28.62
N ARG A 307 21.86 -17.12 -29.74
CA ARG A 307 23.07 -17.93 -29.72
CA ARG A 307 23.06 -17.96 -29.74
C ARG A 307 24.09 -17.56 -30.79
N LEU A 308 25.28 -18.14 -30.67
CA LEU A 308 26.38 -17.98 -31.62
C LEU A 308 26.18 -18.89 -32.82
N LEU A 309 26.22 -18.32 -34.02
CA LEU A 309 26.26 -19.09 -35.27
C LEU A 309 27.70 -19.23 -35.76
N GLY A 310 28.40 -18.09 -35.82
CA GLY A 310 29.75 -18.04 -36.35
C GLY A 310 30.36 -16.68 -36.10
N SER B 1 -27.33 -39.39 15.26
CA SER B 1 -27.35 -38.75 16.62
C SER B 1 -27.00 -37.25 16.54
N MET B 2 -25.80 -36.89 16.99
CA MET B 2 -25.31 -35.52 16.95
C MET B 2 -24.11 -35.46 16.00
N VAL B 3 -23.98 -34.35 15.30
CA VAL B 3 -22.82 -34.05 14.46
C VAL B 3 -22.34 -32.66 14.87
N LYS B 4 -21.06 -32.53 15.19
CA LYS B 4 -20.49 -31.24 15.60
C LYS B 4 -19.31 -30.92 14.69
N ILE B 5 -19.19 -29.65 14.29
CA ILE B 5 -18.14 -29.24 13.35
C ILE B 5 -17.30 -28.09 13.91
N TYR B 6 -16.00 -28.11 13.60
CA TYR B 6 -15.11 -27.01 13.94
C TYR B 6 -14.62 -26.37 12.66
N ALA B 7 -15.01 -25.13 12.44
CA ALA B 7 -14.61 -24.40 11.28
C ALA B 7 -13.59 -23.38 11.75
N PRO B 8 -12.36 -23.42 11.21
CA PRO B 8 -11.29 -22.55 11.68
C PRO B 8 -11.19 -21.20 10.96
N ALA B 9 -10.56 -20.26 11.66
CA ALA B 9 -10.25 -18.93 11.13
C ALA B 9 -9.44 -19.02 9.84
N SER B 10 -9.57 -17.98 9.02
CA SER B 10 -8.83 -17.91 7.78
C SER B 10 -8.28 -16.51 7.57
N ILE B 11 -7.26 -16.41 6.73
CA ILE B 11 -6.75 -15.15 6.27
C ILE B 11 -7.21 -14.91 4.84
N GLY B 12 -7.95 -13.84 4.61
CA GLY B 12 -8.39 -13.51 3.28
C GLY B 12 -7.32 -12.76 2.51
N ASN B 13 -7.22 -13.03 1.22
CA ASN B 13 -6.31 -12.28 0.36
C ASN B 13 -4.86 -12.66 0.55
N VAL B 14 -4.45 -12.71 1.81
CA VAL B 14 -3.08 -13.01 2.19
C VAL B 14 -2.20 -11.91 1.65
N SER B 15 -2.79 -10.74 1.49
CA SER B 15 -2.07 -9.52 1.23
C SER B 15 -1.39 -9.48 -0.13
N VAL B 16 -1.78 -10.38 -1.03
CA VAL B 16 -1.34 -10.28 -2.41
C VAL B 16 -2.38 -10.74 -3.41
N GLY B 17 -3.41 -11.40 -2.93
CA GLY B 17 -4.38 -12.02 -3.82
C GLY B 17 -5.79 -11.68 -3.44
N PHE B 18 -6.17 -10.45 -3.73
CA PHE B 18 -7.47 -9.92 -3.35
C PHE B 18 -8.56 -10.75 -4.03
N ASP B 19 -9.46 -11.30 -3.20
CA ASP B 19 -10.58 -12.15 -3.64
C ASP B 19 -10.23 -13.51 -4.22
N VAL B 20 -8.94 -13.77 -4.47
CA VAL B 20 -8.56 -14.99 -5.17
C VAL B 20 -7.64 -15.91 -4.36
N LEU B 21 -7.30 -15.53 -3.12
CA LEU B 21 -6.34 -16.29 -2.33
C LEU B 21 -6.57 -16.15 -0.82
N GLY B 22 -6.57 -17.27 -0.12
CA GLY B 22 -6.80 -17.26 1.33
C GLY B 22 -6.23 -18.51 2.00
N ALA B 23 -6.04 -18.45 3.32
CA ALA B 23 -5.40 -19.56 4.04
C ALA B 23 -6.03 -19.79 5.39
N ALA B 24 -6.30 -21.06 5.73
CA ALA B 24 -6.75 -21.42 7.06
C ALA B 24 -5.56 -21.46 8.00
N VAL B 25 -5.76 -20.98 9.23
CA VAL B 25 -4.70 -20.95 10.24
C VAL B 25 -5.09 -21.76 11.47
N SER B 26 -4.07 -22.17 12.21
CA SER B 26 -4.20 -23.04 13.37
C SER B 26 -3.12 -22.65 14.36
N PRO B 27 -3.51 -22.22 15.57
CA PRO B 27 -2.53 -21.81 16.58
C PRO B 27 -1.65 -22.96 17.06
N ILE B 28 -0.35 -22.72 17.10
CA ILE B 28 0.64 -23.73 17.48
C ILE B 28 0.37 -24.35 18.85
N ASP B 29 -0.11 -23.54 19.79
CA ASP B 29 -0.34 -24.00 21.16
C ASP B 29 -1.56 -24.92 21.33
N GLY B 30 -2.29 -25.19 20.25
CA GLY B 30 -3.39 -26.16 20.29
C GLY B 30 -4.73 -25.58 20.72
N THR B 31 -4.77 -24.27 20.96
CA THR B 31 -6.02 -23.58 21.23
C THR B 31 -6.84 -23.55 19.94
N LEU B 32 -8.15 -23.77 20.06
CA LEU B 32 -9.02 -23.72 18.89
C LEU B 32 -9.39 -22.26 18.61
N LEU B 33 -9.14 -21.82 17.38
CA LEU B 33 -9.53 -20.49 16.91
C LEU B 33 -10.50 -20.65 15.73
N GLY B 34 -11.78 -20.64 16.03
CA GLY B 34 -12.81 -20.86 15.02
C GLY B 34 -14.15 -21.06 15.69
N ASP B 35 -15.19 -21.26 14.89
CA ASP B 35 -16.56 -21.44 15.40
C ASP B 35 -17.05 -22.85 15.20
N CYS B 36 -17.99 -23.26 16.05
CA CYS B 36 -18.58 -24.60 15.98
C CYS B 36 -20.09 -24.56 15.70
N VAL B 37 -20.57 -25.55 14.98
CA VAL B 37 -21.99 -25.77 14.80
C VAL B 37 -22.32 -27.22 15.12
N SER B 38 -23.38 -27.44 15.92
CA SER B 38 -23.86 -28.80 16.21
C SER B 38 -25.26 -29.01 15.63
N VAL B 39 -25.56 -30.25 15.25
CA VAL B 39 -26.80 -30.63 14.62
C VAL B 39 -27.27 -31.98 15.17
N THR B 40 -28.52 -32.04 15.62
CA THR B 40 -29.12 -33.27 16.16
C THR B 40 -30.51 -33.42 15.55
N ALA B 41 -31.01 -34.66 15.49
CA ALA B 41 -32.35 -34.89 14.97
C ALA B 41 -33.42 -34.32 15.90
N ALA B 42 -34.50 -33.80 15.32
CA ALA B 42 -35.63 -33.31 16.11
C ALA B 42 -36.91 -33.37 15.28
N GLU B 43 -38.04 -33.08 15.93
CA GLU B 43 -39.31 -32.97 15.23
C GLU B 43 -39.39 -31.65 14.47
N ARG B 44 -38.93 -30.58 15.11
CA ARG B 44 -38.95 -29.24 14.50
C ARG B 44 -37.59 -28.57 14.56
N PHE B 45 -37.33 -27.73 13.57
CA PHE B 45 -36.10 -26.97 13.51
C PHE B 45 -36.01 -25.98 14.67
N SER B 46 -34.78 -25.71 15.10
CA SER B 46 -34.54 -24.73 16.14
C SER B 46 -33.06 -24.36 16.10
N LEU B 47 -32.77 -23.06 16.19
CA LEU B 47 -31.40 -22.58 16.27
C LEU B 47 -31.20 -21.90 17.62
N HIS B 48 -30.19 -22.32 18.36
CA HIS B 48 -29.82 -21.66 19.60
C HIS B 48 -28.35 -21.27 19.56
N ASN B 49 -28.06 -20.03 19.94
CA ASN B 49 -26.68 -19.54 19.97
C ASN B 49 -26.06 -19.68 21.37
N GLU B 50 -24.76 -19.93 21.40
CA GLU B 50 -23.95 -19.90 22.62
C GLU B 50 -22.61 -19.24 22.27
N GLY B 51 -21.65 -19.32 23.18
CA GLY B 51 -20.30 -18.86 22.92
C GLY B 51 -20.10 -17.46 23.44
N ARG B 52 -18.85 -17.01 23.37
CA ARG B 52 -18.46 -15.71 23.91
C ARG B 52 -19.13 -14.53 23.23
N PHE B 53 -19.30 -14.61 21.91
CA PHE B 53 -19.81 -13.48 21.12
C PHE B 53 -21.23 -13.72 20.63
N VAL B 54 -22.03 -14.30 21.51
CA VAL B 54 -23.44 -14.60 21.24
C VAL B 54 -24.25 -13.31 21.04
N SER B 55 -23.93 -12.27 21.83
CA SER B 55 -24.71 -11.04 21.86
C SER B 55 -24.50 -10.12 20.64
N LYS B 56 -23.47 -10.40 19.85
CA LYS B 56 -23.18 -9.63 18.62
C LYS B 56 -23.94 -10.16 17.41
N LEU B 57 -24.57 -11.33 17.56
CA LEU B 57 -25.33 -11.94 16.47
C LEU B 57 -26.55 -11.11 16.14
N PRO B 58 -27.01 -11.14 14.87
CA PRO B 58 -28.15 -10.31 14.46
C PRO B 58 -29.41 -10.54 15.30
N ASP B 59 -30.15 -9.48 15.55
CA ASP B 59 -31.33 -9.55 16.42
C ASP B 59 -32.46 -10.27 15.70
N ASP B 60 -32.48 -10.13 14.37
CA ASP B 60 -33.43 -10.78 13.49
C ASP B 60 -32.98 -12.21 13.17
N PRO B 61 -33.64 -13.24 13.75
CA PRO B 61 -33.20 -14.64 13.62
C PRO B 61 -33.09 -15.22 12.20
N LYS B 62 -33.83 -14.69 11.23
CA LYS B 62 -33.74 -15.19 9.86
C LYS B 62 -32.47 -14.69 9.16
N GLN B 63 -31.85 -13.65 9.73
CA GLN B 63 -30.61 -13.08 9.16
C GLN B 63 -29.34 -13.64 9.79
N ASN B 64 -29.48 -14.49 10.80
CA ASN B 64 -28.35 -15.28 11.27
C ASN B 64 -27.85 -16.15 10.14
N ILE B 65 -26.53 -16.14 9.94
CA ILE B 65 -25.89 -16.81 8.81
C ILE B 65 -26.18 -18.32 8.82
N VAL B 66 -26.17 -18.91 10.01
CA VAL B 66 -26.29 -20.36 10.16
C VAL B 66 -27.74 -20.81 9.94
N TYR B 67 -28.70 -19.95 10.29
CA TYR B 67 -30.07 -20.13 9.85
C TYR B 67 -30.16 -20.13 8.32
N GLN B 68 -29.45 -19.19 7.70
CA GLN B 68 -29.48 -19.04 6.24
C GLN B 68 -28.80 -20.18 5.48
N CYS B 69 -27.92 -20.92 6.14
CA CYS B 69 -27.32 -22.14 5.60
C CYS B 69 -28.36 -23.25 5.54
N TRP B 70 -29.00 -23.48 6.68
CA TRP B 70 -29.99 -24.54 6.82
C TRP B 70 -31.08 -24.39 5.78
N GLU B 71 -31.58 -23.18 5.61
CA GLU B 71 -32.55 -22.89 4.56
C GLU B 71 -32.01 -23.16 3.17
N ARG B 72 -30.80 -22.67 2.88
CA ARG B 72 -30.17 -22.86 1.59
C ARG B 72 -29.90 -24.35 1.32
N PHE B 73 -29.62 -25.06 2.40
CA PHE B 73 -29.32 -26.48 2.32
C PHE B 73 -30.60 -27.28 2.08
N CYS B 74 -31.68 -26.86 2.73
CA CYS B 74 -32.97 -27.50 2.54
C CYS B 74 -33.56 -27.22 1.16
N GLN B 75 -33.30 -26.03 0.62
CA GLN B 75 -33.68 -25.71 -0.75
C GLN B 75 -32.98 -26.60 -1.78
N GLU B 76 -31.72 -26.94 -1.52
CA GLU B 76 -30.99 -27.87 -2.36
C GLU B 76 -31.59 -29.26 -2.26
N MET B 77 -31.94 -29.65 -1.05
CA MET B 77 -32.54 -30.97 -0.78
C MET B 77 -33.97 -31.12 -1.31
N GLY B 78 -34.66 -30.01 -1.56
CA GLY B 78 -36.04 -30.03 -2.00
C GLY B 78 -37.01 -30.36 -0.87
N LYS B 79 -36.53 -30.25 0.37
CA LYS B 79 -37.27 -30.69 1.57
C LYS B 79 -36.71 -30.03 2.83
N GLU B 80 -37.55 -29.91 3.86
CA GLU B 80 -37.15 -29.34 5.14
C GLU B 80 -36.65 -30.44 6.06
N ILE B 81 -35.47 -30.23 6.65
CA ILE B 81 -34.81 -31.23 7.48
C ILE B 81 -34.84 -30.76 8.94
N PRO B 82 -35.64 -31.44 9.80
CA PRO B 82 -35.82 -30.94 11.15
C PRO B 82 -34.66 -31.32 12.09
N VAL B 83 -33.97 -30.30 12.58
CA VAL B 83 -32.83 -30.50 13.46
C VAL B 83 -32.73 -29.41 14.53
N ALA B 84 -32.32 -29.81 15.73
CA ALA B 84 -31.86 -28.85 16.73
C ALA B 84 -30.44 -28.46 16.33
N MET B 85 -30.27 -27.20 15.94
CA MET B 85 -28.98 -26.65 15.51
C MET B 85 -28.45 -25.75 16.62
N VAL B 86 -27.13 -25.73 16.83
CA VAL B 86 -26.52 -24.87 17.86
C VAL B 86 -25.24 -24.20 17.34
N LEU B 87 -25.25 -22.87 17.28
CA LEU B 87 -24.06 -22.10 16.88
C LEU B 87 -23.29 -21.68 18.12
N GLU B 88 -22.02 -22.06 18.18
CA GLU B 88 -21.15 -21.65 19.28
C GLU B 88 -20.16 -20.64 18.71
N LYS B 89 -20.46 -19.36 18.91
CA LYS B 89 -19.70 -18.26 18.30
C LYS B 89 -18.56 -17.81 19.20
N ASN B 90 -17.36 -18.33 18.94
CA ASN B 90 -16.16 -18.02 19.71
C ASN B 90 -15.32 -16.93 19.06
N MET B 91 -15.62 -16.62 17.80
CA MET B 91 -14.81 -15.68 17.02
C MET B 91 -15.49 -14.32 17.02
N PRO B 92 -14.70 -13.23 17.07
CA PRO B 92 -15.30 -11.89 16.95
C PRO B 92 -15.72 -11.55 15.52
N ILE B 93 -16.86 -10.88 15.39
CA ILE B 93 -17.43 -10.56 14.09
C ILE B 93 -16.77 -9.32 13.52
N GLY B 94 -16.39 -9.39 12.25
CA GLY B 94 -15.77 -8.26 11.56
C GLY B 94 -14.35 -8.01 12.03
N SER B 95 -13.69 -9.07 12.47
CA SER B 95 -12.34 -8.98 13.03
C SER B 95 -11.26 -9.15 11.96
N GLY B 96 -11.62 -9.77 10.84
CA GLY B 96 -10.68 -10.12 9.80
C GLY B 96 -10.13 -11.53 9.97
N LEU B 97 -10.85 -12.35 10.75
CA LEU B 97 -10.45 -13.73 11.02
C LEU B 97 -11.28 -14.78 10.27
N GLY B 98 -12.16 -14.35 9.37
CA GLY B 98 -13.03 -15.29 8.65
C GLY B 98 -14.29 -15.66 9.41
N SER B 99 -14.76 -14.74 10.25
CA SER B 99 -15.91 -14.96 11.12
C SER B 99 -17.17 -15.46 10.39
N SER B 100 -17.48 -14.88 9.25
CA SER B 100 -18.65 -15.29 8.49
C SER B 100 -18.38 -16.61 7.75
N ALA B 101 -17.18 -16.78 7.20
CA ALA B 101 -16.81 -18.05 6.55
C ALA B 101 -16.79 -19.22 7.54
N CYS B 102 -16.41 -18.96 8.79
CA CYS B 102 -16.42 -19.99 9.84
C CYS B 102 -17.82 -20.59 10.06
N SER B 103 -18.80 -19.71 10.15
CA SER B 103 -20.18 -20.11 10.41
C SER B 103 -20.81 -20.72 9.17
N VAL B 104 -20.52 -20.15 7.99
CA VAL B 104 -21.04 -20.67 6.74
C VAL B 104 -20.56 -22.09 6.52
N VAL B 105 -19.28 -22.33 6.81
CA VAL B 105 -18.69 -23.64 6.62
C VAL B 105 -19.21 -24.59 7.69
N ALA B 106 -19.10 -24.18 8.96
CA ALA B 106 -19.61 -25.00 10.06
C ALA B 106 -21.08 -25.40 9.84
N GLY B 107 -21.90 -24.41 9.50
CA GLY B 107 -23.33 -24.65 9.25
C GLY B 107 -23.62 -25.60 8.10
N LEU B 108 -22.98 -25.37 6.96
CA LEU B 108 -23.24 -26.18 5.76
C LEU B 108 -22.63 -27.57 5.82
N MET B 109 -21.44 -27.67 6.41
CA MET B 109 -20.81 -28.96 6.61
C MET B 109 -21.61 -29.76 7.62
N ALA B 110 -21.95 -29.12 8.74
CA ALA B 110 -22.76 -29.79 9.76
C ALA B 110 -23.95 -30.49 9.10
N MET B 111 -24.75 -29.74 8.34
CA MET B 111 -25.95 -30.27 7.66
C MET B 111 -25.60 -31.40 6.70
N ASN B 112 -24.65 -31.13 5.81
CA ASN B 112 -24.24 -32.09 4.80
C ASN B 112 -23.74 -33.39 5.40
N GLU B 113 -22.94 -33.28 6.47
CA GLU B 113 -22.44 -34.45 7.19
C GLU B 113 -23.59 -35.18 7.86
N PHE B 114 -24.46 -34.41 8.53
CA PHE B 114 -25.60 -34.98 9.22
C PHE B 114 -26.46 -35.87 8.32
N CYS B 115 -26.60 -35.50 7.05
CA CYS B 115 -27.46 -36.24 6.11
C CYS B 115 -26.75 -37.33 5.31
N GLY B 116 -25.49 -37.59 5.62
CA GLY B 116 -24.71 -38.62 4.91
C GLY B 116 -24.16 -38.14 3.57
N GLN B 117 -23.49 -36.99 3.58
CA GLN B 117 -22.81 -36.45 2.39
C GLN B 117 -23.55 -36.60 1.04
N PRO B 118 -24.73 -35.97 0.92
CA PRO B 118 -25.43 -35.92 -0.37
C PRO B 118 -24.84 -34.93 -1.40
N LEU B 119 -24.16 -33.89 -0.93
CA LEU B 119 -23.66 -32.84 -1.81
C LEU B 119 -22.15 -32.93 -1.96
N ASP B 120 -21.66 -32.67 -3.17
CA ASP B 120 -20.22 -32.79 -3.46
C ASP B 120 -19.48 -31.50 -3.11
N LYS B 121 -18.15 -31.55 -3.20
CA LYS B 121 -17.28 -30.44 -2.79
C LYS B 121 -17.59 -29.16 -3.55
N VAL B 122 -17.78 -29.28 -4.86
CA VAL B 122 -17.96 -28.10 -5.72
C VAL B 122 -19.33 -27.45 -5.49
N THR B 123 -20.36 -28.29 -5.32
CA THR B 123 -21.73 -27.84 -5.02
C THR B 123 -21.77 -27.17 -3.64
N LEU B 124 -21.21 -27.84 -2.62
CA LEU B 124 -21.21 -27.26 -1.29
C LEU B 124 -20.39 -25.98 -1.24
N LEU B 125 -19.18 -26.00 -1.80
CA LEU B 125 -18.36 -24.78 -1.83
C LEU B 125 -19.05 -23.65 -2.58
N GLY B 126 -19.70 -23.97 -3.70
CA GLY B 126 -20.50 -22.97 -4.43
C GLY B 126 -21.58 -22.35 -3.57
N MET B 127 -22.23 -23.18 -2.76
CA MET B 127 -23.27 -22.72 -1.84
C MET B 127 -22.67 -21.86 -0.71
N MET B 128 -21.48 -22.25 -0.23
CA MET B 128 -20.75 -21.47 0.78
C MET B 128 -20.40 -20.04 0.32
N GLY B 129 -19.95 -19.90 -0.92
CA GLY B 129 -19.63 -18.59 -1.48
C GLY B 129 -20.87 -17.77 -1.76
N GLU B 130 -21.94 -18.46 -2.13
CA GLU B 130 -23.24 -17.83 -2.30
C GLU B 130 -23.68 -17.17 -1.00
N LEU B 131 -23.51 -17.85 0.12
CA LEU B 131 -23.93 -17.32 1.41
C LEU B 131 -23.03 -16.21 1.96
N GLU B 132 -21.76 -16.15 1.52
CA GLU B 132 -20.88 -15.01 1.80
C GLU B 132 -21.37 -13.76 1.05
N GLY B 133 -21.78 -13.95 -0.21
CA GLY B 133 -22.40 -12.90 -1.00
C GLY B 133 -23.54 -12.18 -0.28
N ARG B 134 -24.42 -12.95 0.34
CA ARG B 134 -25.54 -12.40 1.10
C ARG B 134 -25.07 -11.61 2.32
N VAL B 135 -24.00 -12.08 2.97
CA VAL B 135 -23.46 -11.43 4.17
C VAL B 135 -22.80 -10.08 3.86
N SER B 136 -21.87 -10.06 2.91
CA SER B 136 -21.09 -8.85 2.61
C SER B 136 -21.51 -8.13 1.32
N GLY B 137 -22.57 -8.62 0.66
CA GLY B 137 -23.02 -8.06 -0.62
C GLY B 137 -22.14 -8.45 -1.80
N SER B 138 -21.24 -9.41 -1.61
CA SER B 138 -20.27 -9.80 -2.63
C SER B 138 -19.89 -11.27 -2.47
N ILE B 139 -20.16 -12.08 -3.49
CA ILE B 139 -19.73 -13.48 -3.48
C ILE B 139 -18.20 -13.50 -3.56
N HIS B 140 -17.57 -14.20 -2.62
CA HIS B 140 -16.12 -14.43 -2.68
C HIS B 140 -15.80 -15.74 -1.95
N PHE B 141 -14.81 -16.47 -2.47
CA PHE B 141 -14.46 -17.81 -1.95
C PHE B 141 -13.18 -17.86 -1.11
N ASP B 142 -12.43 -16.77 -1.06
CA ASP B 142 -11.11 -16.75 -0.39
C ASP B 142 -11.14 -16.89 1.13
N ASN B 143 -12.32 -17.09 1.72
CA ASN B 143 -12.41 -17.45 3.13
C ASN B 143 -13.03 -18.82 3.37
N VAL B 144 -14.21 -19.06 2.80
CA VAL B 144 -14.86 -20.36 2.96
C VAL B 144 -14.01 -21.51 2.41
N ALA B 145 -13.30 -21.29 1.30
CA ALA B 145 -12.52 -22.34 0.64
C ALA B 145 -11.39 -22.92 1.51
N PRO B 146 -10.51 -22.04 2.05
CA PRO B 146 -9.51 -22.54 2.99
C PRO B 146 -10.14 -22.99 4.29
N CYS B 147 -11.15 -22.29 4.76
CA CYS B 147 -11.81 -22.71 5.98
C CYS B 147 -12.33 -24.15 5.86
N TYR B 148 -12.84 -24.49 4.68
CA TYR B 148 -13.43 -25.80 4.42
C TYR B 148 -12.40 -26.89 4.08
N LEU B 149 -11.49 -26.55 3.19
CA LEU B 149 -10.56 -27.51 2.59
C LEU B 149 -9.19 -27.50 3.24
N GLY B 150 -8.89 -26.44 4.00
CA GLY B 150 -7.60 -26.29 4.67
C GLY B 150 -6.50 -25.81 3.75
N GLY B 151 -5.37 -25.46 4.36
CA GLY B 151 -4.19 -25.02 3.62
C GLY B 151 -4.42 -23.65 3.03
N MET B 152 -3.65 -23.33 1.99
CA MET B 152 -3.86 -22.14 1.20
C MET B 152 -4.63 -22.56 -0.03
N GLN B 153 -5.64 -21.76 -0.39
CA GLN B 153 -6.52 -22.04 -1.53
C GLN B 153 -6.55 -20.86 -2.50
N LEU B 154 -6.24 -21.15 -3.76
CA LEU B 154 -6.33 -20.19 -4.85
C LEU B 154 -7.66 -20.42 -5.59
N ILE B 155 -8.43 -19.35 -5.74
CA ILE B 155 -9.79 -19.39 -6.29
C ILE B 155 -9.75 -19.33 -7.82
N LEU B 156 -10.30 -20.37 -8.44
CA LEU B 156 -10.20 -20.57 -9.90
C LEU B 156 -11.54 -20.64 -10.64
N GLU B 157 -12.59 -21.08 -9.95
CA GLU B 157 -13.94 -21.07 -10.49
C GLU B 157 -14.03 -21.76 -11.86
N GLN B 158 -13.80 -23.07 -11.85
CA GLN B 158 -13.88 -23.91 -13.03
C GLN B 158 -15.00 -24.91 -12.82
N GLU B 159 -15.35 -25.64 -13.88
CA GLU B 159 -16.50 -26.52 -13.86
C GLU B 159 -16.40 -27.62 -12.81
N GLY B 160 -15.18 -28.09 -12.55
CA GLY B 160 -14.94 -29.19 -11.64
C GLY B 160 -14.39 -28.83 -10.27
N TYR B 161 -14.11 -27.55 -10.06
CA TYR B 161 -13.56 -27.08 -8.78
C TYR B 161 -13.61 -25.56 -8.67
N ILE B 162 -13.88 -25.08 -7.46
CA ILE B 162 -13.82 -23.66 -7.19
C ILE B 162 -12.37 -23.25 -6.96
N SER B 163 -11.60 -24.11 -6.30
CA SER B 163 -10.24 -23.79 -5.89
C SER B 163 -9.26 -24.97 -5.98
N GLN B 164 -7.98 -24.68 -5.76
CA GLN B 164 -6.94 -25.71 -5.67
C GLN B 164 -5.90 -25.36 -4.60
N ASP B 165 -5.16 -26.36 -4.14
CA ASP B 165 -4.15 -26.17 -3.09
C ASP B 165 -2.99 -25.37 -3.63
N VAL B 166 -2.37 -24.59 -2.75
CA VAL B 166 -1.17 -23.84 -3.07
C VAL B 166 -0.14 -24.26 -2.04
N PRO B 167 0.97 -24.91 -2.46
CA PRO B 167 1.96 -25.31 -1.47
C PRO B 167 2.49 -24.10 -0.67
N GLY B 168 2.83 -24.35 0.59
CA GLY B 168 3.32 -23.31 1.49
C GLY B 168 4.74 -23.60 1.95
N PHE B 169 5.15 -22.90 3.01
CA PHE B 169 6.51 -23.07 3.55
C PHE B 169 6.47 -23.51 5.00
N SER B 170 6.90 -24.75 5.23
CA SER B 170 6.81 -25.37 6.56
C SER B 170 7.48 -24.58 7.68
N ASP B 171 8.49 -23.78 7.34
CA ASP B 171 9.17 -22.91 8.32
C ASP B 171 8.33 -21.70 8.77
N TRP B 172 7.41 -21.25 7.92
CA TRP B 172 6.65 -20.00 8.19
C TRP B 172 5.68 -20.10 9.37
N LEU B 173 5.71 -19.09 10.23
CA LEU B 173 4.76 -18.96 11.32
C LEU B 173 3.97 -17.67 11.15
N TRP B 174 2.66 -17.77 11.28
CA TRP B 174 1.74 -16.67 11.01
C TRP B 174 1.29 -16.08 12.34
N VAL B 175 1.79 -14.90 12.68
CA VAL B 175 1.44 -14.28 13.96
C VAL B 175 0.22 -13.40 13.76
N MET B 176 -0.88 -13.78 14.41
CA MET B 176 -2.18 -13.15 14.20
C MET B 176 -2.50 -12.26 15.40
N ALA B 177 -2.77 -10.98 15.15
CA ALA B 177 -3.08 -10.02 16.20
C ALA B 177 -4.39 -9.29 15.93
N TYR B 178 -5.46 -9.74 16.59
CA TYR B 178 -6.77 -9.10 16.53
C TYR B 178 -6.81 -7.96 17.55
N PRO B 179 -6.82 -6.71 17.08
CA PRO B 179 -6.66 -5.57 18.00
C PRO B 179 -7.82 -5.25 18.95
N GLY B 180 -8.94 -5.96 18.84
CA GLY B 180 -10.07 -5.77 19.77
C GLY B 180 -11.18 -4.87 19.25
N ILE B 181 -11.04 -4.36 18.02
CA ILE B 181 -12.08 -3.59 17.36
C ILE B 181 -12.54 -4.31 16.09
N LYS B 182 -13.69 -3.90 15.54
CA LYS B 182 -14.25 -4.53 14.35
C LYS B 182 -14.46 -3.58 13.16
N VAL B 183 -14.40 -4.15 11.96
CA VAL B 183 -14.73 -3.45 10.72
C VAL B 183 -15.61 -4.40 9.89
N SER B 184 -16.68 -3.87 9.29
CA SER B 184 -17.60 -4.72 8.52
C SER B 184 -17.04 -4.94 7.11
N THR B 185 -17.17 -6.18 6.64
CA THR B 185 -16.67 -6.60 5.33
C THR B 185 -17.24 -5.72 4.21
N ALA B 186 -18.51 -5.36 4.37
CA ALA B 186 -19.21 -4.50 3.40
C ALA B 186 -18.60 -3.10 3.32
N GLU B 187 -18.29 -2.52 4.47
CA GLU B 187 -17.74 -1.16 4.52
C GLU B 187 -16.31 -1.13 4.02
N ALA B 188 -15.53 -2.15 4.38
CA ALA B 188 -14.14 -2.26 3.93
C ALA B 188 -14.05 -2.48 2.42
N ARG B 189 -15.09 -3.07 1.83
CA ARG B 189 -15.14 -3.17 0.37
C ARG B 189 -15.68 -1.88 -0.27
N ALA B 190 -16.65 -1.24 0.37
CA ALA B 190 -17.22 -0.01 -0.16
C ALA B 190 -16.22 1.15 -0.18
N ILE B 191 -15.22 1.08 0.70
CA ILE B 191 -14.14 2.09 0.75
C ILE B 191 -13.12 1.99 -0.42
N LEU B 192 -13.07 0.84 -1.11
CA LEU B 192 -12.15 0.66 -2.25
C LEU B 192 -12.51 1.52 -3.47
N PRO B 193 -11.51 2.10 -4.16
CA PRO B 193 -11.77 2.90 -5.38
C PRO B 193 -12.36 2.08 -6.51
N ALA B 194 -13.12 2.77 -7.36
CA ALA B 194 -13.74 2.14 -8.52
C ALA B 194 -12.70 1.85 -9.59
N GLN B 195 -11.68 2.70 -9.70
CA GLN B 195 -10.68 2.59 -10.75
C GLN B 195 -9.25 2.67 -10.24
N TYR B 196 -8.34 2.05 -10.99
CA TYR B 196 -6.91 2.05 -10.64
C TYR B 196 -6.07 2.41 -11.86
N ARG B 197 -4.93 3.04 -11.61
CA ARG B 197 -3.95 3.33 -12.67
C ARG B 197 -3.53 2.04 -13.38
N ARG B 198 -3.27 2.12 -14.68
CA ARG B 198 -2.83 0.94 -15.43
C ARG B 198 -1.66 0.24 -14.75
N GLN B 199 -0.69 1.05 -14.33
CA GLN B 199 0.53 0.55 -13.74
C GLN B 199 0.30 -0.27 -12.46
N ASP B 200 -0.78 0.02 -11.74
CA ASP B 200 -1.09 -0.70 -10.50
C ASP B 200 -1.64 -2.11 -10.73
N CYS B 201 -2.34 -2.34 -11.85
CA CYS B 201 -2.86 -3.68 -12.17
C CYS B 201 -1.77 -4.56 -12.80
N ILE B 202 -0.90 -3.97 -13.64
CA ILE B 202 0.27 -4.65 -14.14
C ILE B 202 1.01 -5.20 -12.94
N THR B 203 1.33 -4.28 -12.04
CA THR B 203 1.97 -4.59 -10.77
C THR B 203 1.23 -5.63 -9.92
N HIS B 204 -0.07 -5.44 -9.75
CA HIS B 204 -0.87 -6.45 -9.05
C HIS B 204 -0.71 -7.87 -9.64
N GLY B 205 -0.63 -7.95 -10.97
CA GLY B 205 -0.48 -9.24 -11.67
C GLY B 205 0.92 -9.81 -11.50
N ARG B 206 1.90 -8.94 -11.67
CA ARG B 206 3.30 -9.28 -11.43
C ARG B 206 3.46 -9.84 -10.00
N ASN B 207 2.92 -9.15 -9.00
CA ASN B 207 3.00 -9.61 -7.61
C ASN B 207 2.32 -10.94 -7.34
N LEU B 208 1.17 -11.17 -7.96
CA LEU B 208 0.43 -12.41 -7.71
C LEU B 208 1.09 -13.58 -8.43
N ALA B 209 1.60 -13.31 -9.63
CA ALA B 209 2.28 -14.30 -10.44
C ALA B 209 3.53 -14.79 -9.71
N GLY B 210 4.37 -13.83 -9.32
CA GLY B 210 5.63 -14.13 -8.66
C GLY B 210 5.45 -14.89 -7.36
N PHE B 211 4.44 -14.50 -6.59
CA PHE B 211 4.13 -15.19 -5.34
C PHE B 211 3.69 -16.63 -5.58
N ILE B 212 2.86 -16.85 -6.59
CA ILE B 212 2.43 -18.20 -6.96
C ILE B 212 3.60 -19.00 -7.54
N HIS B 213 4.43 -18.35 -8.35
CA HIS B 213 5.63 -18.99 -8.92
C HIS B 213 6.61 -19.42 -7.82
N ALA B 214 6.65 -18.63 -6.74
CA ALA B 214 7.56 -18.85 -5.62
C ALA B 214 7.10 -19.91 -4.65
N CYS B 215 5.80 -20.15 -4.59
CA CYS B 215 5.26 -21.21 -3.74
C CYS B 215 5.56 -22.56 -4.35
N HIS B 216 5.46 -22.65 -5.67
CA HIS B 216 5.66 -23.90 -6.39
C HIS B 216 7.13 -24.24 -6.60
N THR B 217 7.98 -23.22 -6.68
CA THR B 217 9.44 -23.39 -6.79
C THR B 217 10.13 -23.18 -5.44
N GLN B 218 9.34 -23.09 -4.37
CA GLN B 218 9.87 -23.03 -3.01
C GLN B 218 10.98 -21.98 -2.77
N GLN B 219 10.74 -20.78 -3.29
CA GLN B 219 11.60 -19.61 -3.04
C GLN B 219 10.98 -18.64 -2.02
N PRO B 220 11.16 -18.91 -0.71
CA PRO B 220 10.50 -18.11 0.32
C PRO B 220 10.82 -16.61 0.34
N ASP B 221 12.01 -16.22 -0.11
CA ASP B 221 12.36 -14.80 -0.09
C ASP B 221 11.63 -14.00 -1.17
N LEU B 222 11.56 -14.56 -2.36
CA LEU B 222 10.79 -13.96 -3.46
C LEU B 222 9.31 -13.92 -3.07
N ALA B 223 8.85 -14.98 -2.41
CA ALA B 223 7.49 -15.04 -1.90
C ALA B 223 7.18 -13.83 -1.05
N ALA B 224 8.00 -13.62 -0.02
CA ALA B 224 7.83 -12.47 0.89
C ALA B 224 7.86 -11.14 0.15
N LYS B 225 8.76 -10.99 -0.82
CA LYS B 225 8.87 -9.74 -1.60
C LYS B 225 7.73 -9.52 -2.61
N MET B 226 7.02 -10.58 -2.98
CA MET B 226 5.85 -10.49 -3.86
C MET B 226 4.55 -10.32 -3.05
N MET B 227 4.59 -10.56 -1.75
CA MET B 227 3.41 -10.41 -0.90
C MET B 227 3.07 -8.94 -0.65
N LYS B 228 2.64 -8.26 -1.72
CA LYS B 228 2.33 -6.83 -1.68
C LYS B 228 0.95 -6.58 -2.26
N ASP B 229 0.16 -5.75 -1.59
CA ASP B 229 -1.22 -5.49 -2.00
C ASP B 229 -1.39 -4.03 -2.38
N VAL B 230 -1.66 -3.80 -3.67
CA VAL B 230 -1.82 -2.44 -4.20
C VAL B 230 -3.29 -2.17 -4.58
N ILE B 231 -4.17 -3.08 -4.16
CA ILE B 231 -5.59 -3.05 -4.48
C ILE B 231 -6.38 -2.52 -3.31
N ALA B 232 -6.12 -3.08 -2.13
CA ALA B 232 -6.96 -2.86 -0.98
C ALA B 232 -6.25 -2.16 0.16
N GLU B 233 -5.14 -2.74 0.60
CA GLU B 233 -4.39 -2.23 1.73
C GLU B 233 -4.24 -0.69 1.79
N PRO B 234 -3.84 -0.04 0.68
CA PRO B 234 -3.56 1.40 0.80
C PRO B 234 -4.79 2.27 1.06
N TYR B 235 -5.98 1.69 0.87
CA TYR B 235 -7.25 2.38 1.05
C TYR B 235 -7.95 1.93 2.32
N ARG B 236 -7.39 0.92 2.98
CA ARG B 236 -7.99 0.29 4.15
C ARG B 236 -7.24 0.59 5.43
N THR B 237 -5.93 0.86 5.35
CA THR B 237 -5.14 1.10 6.56
C THR B 237 -5.58 2.34 7.34
N GLN B 238 -6.27 3.26 6.68
CA GLN B 238 -6.98 4.38 7.34
C GLN B 238 -8.04 3.93 8.35
N LEU B 239 -8.50 2.68 8.24
CA LEU B 239 -9.44 2.07 9.18
C LEU B 239 -8.78 1.22 10.26
N LEU B 240 -7.45 1.16 10.29
CA LEU B 240 -6.73 0.22 11.13
C LEU B 240 -5.72 0.95 12.00
N PRO B 241 -6.19 1.73 12.99
CA PRO B 241 -5.25 2.52 13.79
C PRO B 241 -4.09 1.66 14.32
N GLY B 242 -2.86 2.13 14.08
CA GLY B 242 -1.67 1.44 14.55
C GLY B 242 -1.16 0.32 13.65
N PHE B 243 -1.68 0.20 12.43
CA PHE B 243 -1.17 -0.79 11.47
C PHE B 243 0.15 -0.34 10.85
N ALA B 244 0.23 0.93 10.46
CA ALA B 244 1.45 1.42 9.80
C ALA B 244 2.65 1.50 10.76
N ALA B 245 2.37 1.63 12.05
CA ALA B 245 3.40 1.53 13.08
C ALA B 245 3.82 0.07 13.31
N ALA B 246 2.90 -0.86 13.04
CA ALA B 246 3.17 -2.28 13.17
C ALA B 246 3.98 -2.82 11.97
N ARG B 247 3.71 -2.27 10.79
CA ARG B 247 4.49 -2.62 9.61
C ARG B 247 5.94 -2.11 9.71
N GLN B 248 6.13 -0.94 10.32
CA GLN B 248 7.48 -0.40 10.58
C GLN B 248 8.24 -1.28 11.57
N ALA B 249 7.59 -1.59 12.69
CA ALA B 249 8.19 -2.41 13.75
C ALA B 249 8.33 -3.87 13.34
N ALA B 250 7.46 -4.35 12.45
CA ALA B 250 7.55 -5.72 11.94
C ALA B 250 8.79 -5.92 11.07
N GLN B 251 9.12 -4.89 10.29
CA GLN B 251 10.35 -4.88 9.52
C GLN B 251 11.56 -4.82 10.44
N ASP B 252 11.52 -3.93 11.43
CA ASP B 252 12.60 -3.82 12.43
C ASP B 252 12.89 -5.15 13.15
N ILE B 253 11.84 -5.90 13.48
CA ILE B 253 11.98 -7.15 14.24
C ILE B 253 12.43 -8.34 13.37
N GLY B 254 12.14 -8.26 12.07
CA GLY B 254 12.56 -9.29 11.12
C GLY B 254 11.50 -10.22 10.58
N ALA B 255 10.25 -9.77 10.55
CA ALA B 255 9.21 -10.51 9.85
C ALA B 255 9.49 -10.48 8.35
N LEU B 256 9.06 -11.53 7.64
CA LEU B 256 9.19 -11.55 6.19
C LEU B 256 8.14 -10.68 5.53
N ALA B 257 6.96 -10.62 6.14
CA ALA B 257 5.88 -9.77 5.66
C ALA B 257 4.88 -9.45 6.77
N CYS B 258 4.27 -8.27 6.67
CA CYS B 258 3.19 -7.83 7.56
C CYS B 258 1.99 -7.44 6.69
N GLY B 259 0.79 -7.87 7.06
CA GLY B 259 -0.38 -7.61 6.22
C GLY B 259 -1.69 -7.65 6.97
N ILE B 260 -2.73 -7.14 6.30
CA ILE B 260 -4.10 -7.16 6.83
C ILE B 260 -4.68 -8.54 6.57
N SER B 261 -5.29 -9.14 7.59
CA SER B 261 -5.96 -10.42 7.42
C SER B 261 -7.39 -10.17 6.95
N GLY B 262 -7.70 -10.60 5.73
CA GLY B 262 -9.00 -10.30 5.12
C GLY B 262 -9.19 -8.80 5.01
N SER B 263 -10.30 -8.31 5.56
CA SER B 263 -10.58 -6.86 5.55
C SER B 263 -10.11 -6.12 6.81
N GLY B 264 -9.46 -6.84 7.71
CA GLY B 264 -8.93 -6.24 8.93
C GLY B 264 -9.97 -6.31 10.03
N PRO B 265 -9.68 -5.73 11.20
CA PRO B 265 -8.43 -5.04 11.47
C PRO B 265 -7.32 -5.98 11.97
N THR B 266 -7.65 -7.26 12.13
CA THR B 266 -6.66 -8.27 12.41
C THR B 266 -5.50 -8.17 11.41
N LEU B 267 -4.30 -8.36 11.95
CA LEU B 267 -3.06 -8.21 11.22
C LEU B 267 -2.35 -9.58 11.23
N PHE B 268 -1.61 -9.89 10.18
CA PHE B 268 -0.76 -11.08 10.17
C PHE B 268 0.67 -10.67 9.91
N ALA B 269 1.61 -11.24 10.66
CA ALA B 269 3.03 -11.06 10.38
C ALA B 269 3.66 -12.45 10.16
N VAL B 270 4.33 -12.60 9.03
CA VAL B 270 5.03 -13.85 8.69
C VAL B 270 6.44 -13.87 9.27
N CYS B 271 6.70 -14.82 10.17
CA CYS B 271 8.04 -15.07 10.72
C CYS B 271 8.47 -16.49 10.33
N ASN B 272 9.73 -16.67 9.93
CA ASN B 272 10.22 -17.99 9.55
C ASN B 272 10.99 -18.76 10.63
N ASP B 273 11.08 -18.17 11.83
CA ASP B 273 11.60 -18.92 12.99
C ASP B 273 10.83 -18.61 14.26
N GLN B 274 10.99 -19.48 15.25
CA GLN B 274 10.20 -19.44 16.48
C GLN B 274 10.60 -18.29 17.38
N ALA B 275 11.85 -17.86 17.29
CA ALA B 275 12.37 -16.77 18.13
C ALA B 275 11.85 -15.42 17.67
N THR B 276 11.80 -15.20 16.35
CA THR B 276 11.28 -13.95 15.77
C THR B 276 9.74 -13.87 15.88
N ALA B 277 9.06 -15.01 15.89
CA ALA B 277 7.61 -15.03 16.03
C ALA B 277 7.18 -14.51 17.40
N GLN B 278 7.93 -14.92 18.42
CA GLN B 278 7.65 -14.57 19.81
C GLN B 278 7.84 -13.08 20.07
N ARG B 279 8.90 -12.50 19.51
CA ARG B 279 9.17 -11.07 19.65
C ARG B 279 8.10 -10.24 18.93
N MET B 280 7.61 -10.77 17.80
CA MET B 280 6.52 -10.13 17.06
C MET B 280 5.21 -10.23 17.84
N ALA B 281 4.88 -11.45 18.28
CA ALA B 281 3.70 -11.67 19.12
C ALA B 281 3.73 -10.84 20.40
N GLY B 282 4.92 -10.72 20.99
CA GLY B 282 5.09 -9.93 22.20
C GLY B 282 4.87 -8.45 21.92
N TRP B 283 5.44 -7.97 20.82
CA TRP B 283 5.31 -6.56 20.44
C TRP B 283 3.87 -6.21 20.06
N LEU B 284 3.20 -7.12 19.36
CA LEU B 284 1.82 -6.91 18.95
C LEU B 284 0.88 -6.91 20.15
N GLN B 285 1.13 -7.79 21.11
CA GLN B 285 0.38 -7.81 22.37
C GLN B 285 0.45 -6.47 23.11
N ASN B 286 1.60 -5.82 23.03
CA ASN B 286 1.81 -4.56 23.75
C ASN B 286 1.42 -3.30 22.97
N HIS B 287 1.48 -3.37 21.64
CA HIS B 287 1.38 -2.17 20.80
C HIS B 287 0.33 -2.18 19.68
N TYR B 288 -0.16 -3.34 19.27
CA TYR B 288 -1.21 -3.37 18.24
C TYR B 288 -2.62 -3.45 18.83
N LEU B 289 -2.74 -3.94 20.06
CA LEU B 289 -4.04 -4.06 20.69
C LEU B 289 -4.59 -2.69 21.10
N GLN B 290 -5.88 -2.47 20.84
CA GLN B 290 -6.57 -1.24 21.23
C GLN B 290 -7.28 -1.40 22.57
N ASN B 291 -7.56 -2.63 22.97
CA ASN B 291 -8.23 -2.89 24.25
C ASN B 291 -8.02 -4.33 24.72
N ASP B 292 -8.66 -4.69 25.83
CA ASP B 292 -8.53 -6.03 26.44
C ASP B 292 -9.19 -7.17 25.65
N GLU B 293 -10.14 -6.83 24.78
CA GLU B 293 -10.81 -7.85 23.94
C GLU B 293 -9.87 -8.49 22.91
N GLY B 294 -8.77 -7.80 22.60
CA GLY B 294 -7.83 -8.29 21.61
C GLY B 294 -7.09 -9.55 22.06
N PHE B 295 -6.44 -10.20 21.11
CA PHE B 295 -5.56 -11.33 21.42
C PHE B 295 -4.60 -11.59 20.28
N VAL B 296 -3.50 -12.25 20.63
CA VAL B 296 -2.44 -12.53 19.69
C VAL B 296 -2.20 -14.03 19.69
N HIS B 297 -2.17 -14.64 18.51
CA HIS B 297 -1.80 -16.04 18.40
C HIS B 297 -0.76 -16.25 17.32
N ILE B 298 0.23 -17.07 17.65
CA ILE B 298 1.20 -17.54 16.68
C ILE B 298 0.60 -18.78 16.07
N CYS B 299 0.60 -18.85 14.74
CA CYS B 299 -0.08 -19.93 14.06
C CYS B 299 0.74 -20.51 12.92
N ARG B 300 0.37 -21.72 12.53
CA ARG B 300 0.78 -22.30 11.25
C ARG B 300 -0.51 -22.50 10.48
N LEU B 301 -0.39 -23.00 9.25
CA LEU B 301 -1.56 -23.30 8.44
C LEU B 301 -2.34 -24.45 9.08
N ASP B 302 -3.65 -24.42 8.92
CA ASP B 302 -4.50 -25.56 9.26
C ASP B 302 -4.69 -26.39 8.00
N THR B 303 -4.04 -27.55 7.95
CA THR B 303 -4.06 -28.38 6.74
C THR B 303 -5.35 -29.19 6.61
N ALA B 304 -6.02 -29.40 7.74
CA ALA B 304 -7.25 -30.19 7.78
C ALA B 304 -8.49 -29.39 7.34
N GLY B 305 -8.57 -28.13 7.75
CA GLY B 305 -9.76 -27.33 7.49
C GLY B 305 -10.89 -27.69 8.45
N ALA B 306 -12.13 -27.61 7.98
CA ALA B 306 -13.28 -27.88 8.84
C ALA B 306 -13.33 -29.36 9.14
N ARG B 307 -13.78 -29.72 10.34
CA ARG B 307 -13.73 -31.13 10.76
C ARG B 307 -14.72 -31.51 11.84
N LEU B 308 -15.15 -32.77 11.80
CA LEU B 308 -15.98 -33.37 12.83
C LEU B 308 -15.22 -33.52 14.14
N LEU B 309 -15.65 -32.76 15.16
CA LEU B 309 -15.21 -33.00 16.54
C LEU B 309 -15.90 -34.23 17.10
N GLY B 310 -17.09 -34.52 16.58
CA GLY B 310 -17.94 -35.61 17.07
C GLY B 310 -18.97 -35.06 18.06
N SER C 1 11.54 16.73 -3.39
CA SER C 1 12.10 15.62 -2.55
C SER C 1 11.58 15.71 -1.12
N MET C 2 12.13 16.66 -0.36
CA MET C 2 11.87 16.76 1.07
C MET C 2 11.07 18.03 1.37
N VAL C 3 10.14 17.92 2.31
CA VAL C 3 9.49 19.08 2.90
C VAL C 3 9.86 19.10 4.38
N LYS C 4 10.33 20.25 4.86
CA LYS C 4 10.65 20.43 6.28
C LYS C 4 9.90 21.65 6.82
N ILE C 5 9.21 21.48 7.95
CA ILE C 5 8.37 22.54 8.51
C ILE C 5 8.82 22.92 9.92
N TYR C 6 8.79 24.22 10.22
CA TYR C 6 9.14 24.75 11.53
C TYR C 6 7.90 25.32 12.23
N ALA C 7 7.51 24.70 13.35
CA ALA C 7 6.31 25.11 14.08
C ALA C 7 6.70 25.87 15.35
N PRO C 8 6.50 27.20 15.36
CA PRO C 8 6.97 27.99 16.51
C PRO C 8 6.19 27.73 17.80
N ALA C 9 6.82 28.05 18.93
CA ALA C 9 6.18 27.98 20.25
C ALA C 9 5.08 29.01 20.29
N SER C 10 4.14 28.85 21.22
CA SER C 10 3.02 29.78 21.30
C SER C 10 2.51 29.90 22.71
N ILE C 11 1.84 31.01 22.97
CA ILE C 11 1.28 31.30 24.30
C ILE C 11 -0.21 31.03 24.22
N GLY C 12 -0.66 29.95 24.85
CA GLY C 12 -2.07 29.67 24.94
C GLY C 12 -2.70 30.61 25.96
N ASN C 13 -3.95 30.98 25.73
CA ASN C 13 -4.73 31.76 26.70
C ASN C 13 -4.31 33.22 26.76
N VAL C 14 -3.01 33.44 26.88
CA VAL C 14 -2.45 34.77 26.97
C VAL C 14 -3.02 35.41 28.22
N SER C 15 -3.28 34.58 29.22
CA SER C 15 -3.78 35.04 30.50
C SER C 15 -5.25 35.48 30.45
N VAL C 16 -5.54 36.48 29.64
CA VAL C 16 -6.88 37.03 29.53
C VAL C 16 -7.94 36.10 28.95
N GLY C 17 -7.58 35.28 27.98
CA GLY C 17 -8.59 34.57 27.23
C GLY C 17 -8.46 33.08 27.13
N PHE C 18 -8.89 32.40 28.18
CA PHE C 18 -8.71 30.97 28.27
C PHE C 18 -9.49 30.31 27.16
N ASP C 19 -8.79 29.51 26.38
CA ASP C 19 -9.34 28.60 25.39
C ASP C 19 -9.74 29.28 24.09
N VAL C 20 -9.68 30.61 24.05
CA VAL C 20 -10.12 31.35 22.87
C VAL C 20 -9.11 32.28 22.23
N LEU C 21 -7.91 32.37 22.80
CA LEU C 21 -6.92 33.34 22.38
C LEU C 21 -5.52 32.78 22.53
N GLY C 22 -4.66 33.01 21.53
CA GLY C 22 -3.29 32.55 21.57
C GLY C 22 -2.37 33.41 20.73
N ALA C 23 -1.06 33.33 20.98
CA ALA C 23 -0.10 34.15 20.23
C ALA C 23 1.20 33.40 19.98
N ALA C 24 1.61 33.29 18.72
CA ALA C 24 2.90 32.68 18.35
C ALA C 24 4.05 33.63 18.66
N VAL C 25 5.10 33.10 19.31
CA VAL C 25 6.25 33.92 19.68
C VAL C 25 7.53 33.50 18.96
N SER C 26 8.40 34.49 18.75
CA SER C 26 9.65 34.32 18.02
C SER C 26 10.74 35.10 18.77
N PRO C 27 11.85 34.42 19.15
CA PRO C 27 12.93 35.16 19.83
C PRO C 27 13.57 36.26 18.97
N ILE C 28 13.91 37.38 19.60
CA ILE C 28 14.50 38.51 18.88
C ILE C 28 15.95 38.24 18.46
N ASP C 29 16.62 37.34 19.17
CA ASP C 29 18.01 37.00 18.86
C ASP C 29 18.14 36.12 17.61
N GLY C 30 17.01 35.67 17.05
CA GLY C 30 17.00 34.89 15.81
C GLY C 30 16.92 33.39 16.06
N THR C 31 17.07 32.99 17.33
CA THR C 31 17.00 31.60 17.72
C THR C 31 15.64 31.04 17.35
N LEU C 32 15.64 29.81 16.83
CA LEU C 32 14.39 29.11 16.58
C LEU C 32 13.92 28.50 17.89
N LEU C 33 12.62 28.60 18.13
CA LEU C 33 12.00 28.07 19.32
C LEU C 33 10.72 27.38 18.87
N GLY C 34 10.80 26.06 18.70
CA GLY C 34 9.72 25.28 18.09
C GLY C 34 10.17 23.87 17.77
N ASP C 35 9.28 23.07 17.16
CA ASP C 35 9.63 21.72 16.67
C ASP C 35 9.57 21.65 15.15
N CYS C 36 10.22 20.63 14.59
CA CYS C 36 10.35 20.52 13.14
C CYS C 36 9.95 19.13 12.67
N VAL C 37 9.33 19.05 11.50
CA VAL C 37 8.97 17.76 10.90
C VAL C 37 9.42 17.70 9.46
N SER C 38 10.04 16.57 9.09
CA SER C 38 10.48 16.33 7.71
C SER C 38 9.72 15.17 7.09
N VAL C 39 9.41 15.31 5.81
CA VAL C 39 8.65 14.32 5.06
C VAL C 39 9.33 14.17 3.71
N THR C 40 9.50 12.93 3.27
CA THR C 40 9.97 12.65 1.91
C THR C 40 9.39 11.33 1.41
N ALA C 41 9.36 11.19 0.09
CA ALA C 41 8.74 10.02 -0.55
C ALA C 41 9.45 8.73 -0.15
N ALA C 42 8.67 7.67 -0.01
CA ALA C 42 9.19 6.34 0.29
C ALA C 42 8.22 5.28 -0.20
N GLU C 43 8.67 4.02 -0.19
CA GLU C 43 7.80 2.90 -0.51
C GLU C 43 6.84 2.61 0.65
N ARG C 44 7.37 2.61 1.87
CA ARG C 44 6.57 2.36 3.08
C ARG C 44 6.75 3.49 4.10
N PHE C 45 5.80 3.58 5.03
CA PHE C 45 5.82 4.65 6.01
C PHE C 45 6.75 4.35 7.19
N SER C 46 7.64 5.29 7.48
CA SER C 46 8.44 5.24 8.69
C SER C 46 8.35 6.56 9.46
N LEU C 47 8.34 6.47 10.78
CA LEU C 47 8.53 7.64 11.64
C LEU C 47 9.78 7.43 12.50
N HIS C 48 10.70 8.38 12.43
CA HIS C 48 11.82 8.40 13.36
C HIS C 48 11.87 9.72 14.12
N ASN C 49 12.23 9.65 15.39
CA ASN C 49 12.34 10.83 16.23
C ASN C 49 13.82 11.25 16.44
N GLU C 50 14.05 12.55 16.51
CA GLU C 50 15.36 13.13 16.81
C GLU C 50 15.20 14.25 17.84
N GLY C 51 16.21 15.11 17.98
CA GLY C 51 16.11 16.35 18.75
C GLY C 51 16.44 16.16 20.21
N ARG C 52 16.46 17.27 20.95
CA ARG C 52 16.89 17.29 22.35
C ARG C 52 16.00 16.47 23.31
N PHE C 53 14.70 16.38 23.03
CA PHE C 53 13.77 15.75 23.98
C PHE C 53 13.18 14.44 23.45
N VAL C 54 13.94 13.77 22.59
CA VAL C 54 13.49 12.53 21.95
C VAL C 54 13.06 11.45 22.95
N SER C 55 13.76 11.36 24.08
CA SER C 55 13.53 10.30 25.06
C SER C 55 12.26 10.48 25.91
N LYS C 56 11.66 11.66 25.83
CA LYS C 56 10.43 11.95 26.56
C LYS C 56 9.18 11.54 25.76
N LEU C 57 9.36 11.18 24.49
CA LEU C 57 8.24 10.79 23.63
C LEU C 57 7.64 9.45 24.06
N PRO C 58 6.37 9.18 23.69
CA PRO C 58 5.70 7.95 24.15
C PRO C 58 6.41 6.67 23.72
N ASP C 59 6.38 5.66 24.58
CA ASP C 59 7.00 4.37 24.29
C ASP C 59 6.17 3.59 23.26
N ASP C 60 4.85 3.80 23.28
CA ASP C 60 3.93 3.19 22.33
C ASP C 60 3.92 4.05 21.04
N PRO C 61 4.47 3.51 19.94
CA PRO C 61 4.70 4.33 18.72
C PRO C 61 3.43 4.89 18.05
N LYS C 62 2.31 4.17 18.11
CA LYS C 62 1.06 4.66 17.53
C LYS C 62 0.58 5.90 18.26
N GLN C 63 0.92 5.99 19.55
CA GLN C 63 0.48 7.12 20.39
C GLN C 63 1.32 8.38 20.21
N ASN C 64 2.40 8.31 19.42
CA ASN C 64 3.18 9.51 19.11
C ASN C 64 2.31 10.46 18.32
N ILE C 65 2.28 11.72 18.75
CA ILE C 65 1.44 12.75 18.15
C ILE C 65 1.56 12.81 16.63
N VAL C 66 2.80 12.73 16.14
CA VAL C 66 3.07 12.98 14.73
C VAL C 66 2.64 11.79 13.87
N TYR C 67 2.66 10.59 14.47
CA TYR C 67 2.05 9.42 13.86
C TYR C 67 0.54 9.61 13.64
N GLN C 68 -0.13 10.22 14.61
CA GLN C 68 -1.56 10.42 14.54
C GLN C 68 -1.93 11.48 13.50
N CYS C 69 -1.02 12.42 13.26
CA CYS C 69 -1.17 13.41 12.20
C CYS C 69 -1.18 12.76 10.83
N TRP C 70 -0.27 11.82 10.63
CA TRP C 70 -0.18 11.11 9.37
C TRP C 70 -1.42 10.25 9.15
N GLU C 71 -1.79 9.49 10.17
CA GLU C 71 -2.97 8.64 10.10
C GLU C 71 -4.22 9.45 9.80
N ARG C 72 -4.41 10.54 10.53
CA ARG C 72 -5.55 11.40 10.31
C ARG C 72 -5.56 12.01 8.91
N PHE C 73 -4.41 12.50 8.47
CA PHE C 73 -4.25 13.07 7.13
C PHE C 73 -4.52 12.06 6.01
N CYS C 74 -4.10 10.82 6.23
CA CYS C 74 -4.36 9.73 5.28
C CYS C 74 -5.83 9.36 5.24
N GLN C 75 -6.47 9.36 6.41
CA GLN C 75 -7.91 9.12 6.49
C GLN C 75 -8.69 10.15 5.69
N GLU C 76 -8.23 11.39 5.71
CA GLU C 76 -8.84 12.47 4.93
C GLU C 76 -8.60 12.27 3.42
N MET C 77 -7.42 11.78 3.07
CA MET C 77 -7.06 11.54 1.66
C MET C 77 -7.77 10.37 1.02
N GLY C 78 -8.15 9.38 1.83
CA GLY C 78 -8.75 8.14 1.35
C GLY C 78 -7.68 7.11 1.02
N LYS C 79 -6.42 7.45 1.28
CA LYS C 79 -5.28 6.63 0.84
C LYS C 79 -4.09 6.78 1.78
N GLU C 80 -3.36 5.69 1.94
CA GLU C 80 -2.10 5.71 2.66
C GLU C 80 -1.03 6.38 1.79
N ILE C 81 -0.43 7.44 2.32
CA ILE C 81 0.65 8.16 1.66
C ILE C 81 1.96 7.71 2.33
N PRO C 82 2.77 6.87 1.64
CA PRO C 82 4.02 6.39 2.25
C PRO C 82 5.12 7.45 2.26
N VAL C 83 5.59 7.81 3.45
CA VAL C 83 6.69 8.76 3.58
C VAL C 83 7.63 8.36 4.69
N ALA C 84 8.87 8.80 4.57
CA ALA C 84 9.79 8.78 5.70
C ALA C 84 9.54 10.07 6.45
N MET C 85 9.07 9.95 7.67
CA MET C 85 8.78 11.10 8.50
C MET C 85 9.82 11.17 9.61
N VAL C 86 10.30 12.38 9.91
CA VAL C 86 11.19 12.59 11.06
C VAL C 86 10.72 13.77 11.90
N LEU C 87 10.50 13.53 13.19
CA LEU C 87 10.16 14.59 14.13
C LEU C 87 11.38 15.04 14.92
N GLU C 88 11.69 16.33 14.87
CA GLU C 88 12.77 16.91 15.66
C GLU C 88 12.17 17.65 16.85
N LYS C 89 12.23 17.02 18.02
CA LYS C 89 11.58 17.52 19.23
C LYS C 89 12.49 18.44 20.06
N ASN C 90 12.68 19.66 19.57
CA ASN C 90 13.54 20.64 20.24
C ASN C 90 12.89 21.32 21.45
N MET C 91 11.57 21.19 21.60
CA MET C 91 10.83 21.88 22.66
C MET C 91 10.47 20.87 23.76
N PRO C 92 10.47 21.31 25.04
CA PRO C 92 10.09 20.40 26.13
C PRO C 92 8.58 20.12 26.19
N ILE C 93 8.22 18.94 26.70
CA ILE C 93 6.83 18.49 26.75
C ILE C 93 6.21 18.86 28.09
N GLY C 94 5.02 19.45 28.03
CA GLY C 94 4.31 19.90 29.24
C GLY C 94 4.90 21.18 29.78
N SER C 95 5.48 21.97 28.89
CA SER C 95 6.23 23.16 29.28
C SER C 95 5.39 24.42 29.28
N GLY C 96 4.26 24.38 28.59
CA GLY C 96 3.39 25.54 28.47
C GLY C 96 3.83 26.41 27.31
N LEU C 97 4.50 25.80 26.33
CA LEU C 97 5.08 26.52 25.19
C LEU C 97 4.43 26.15 23.86
N GLY C 98 3.36 25.35 23.88
CA GLY C 98 2.71 24.90 22.64
C GLY C 98 3.32 23.65 22.05
N SER C 99 3.95 22.84 22.89
CA SER C 99 4.67 21.62 22.44
C SER C 99 3.81 20.69 21.58
N SER C 100 2.71 20.20 22.15
CA SER C 100 1.81 19.32 21.41
C SER C 100 1.26 20.00 20.14
N ALA C 101 1.11 21.32 20.16
CA ALA C 101 0.67 22.07 18.98
C ALA C 101 1.74 22.24 17.91
N CYS C 102 3.01 22.29 18.31
CA CYS C 102 4.11 22.37 17.36
C CYS C 102 4.18 21.10 16.51
N SER C 103 4.19 19.96 17.20
CA SER C 103 4.18 18.65 16.55
C SER C 103 2.96 18.50 15.66
N VAL C 104 1.80 18.99 16.13
CA VAL C 104 0.58 18.86 15.36
C VAL C 104 0.60 19.75 14.13
N VAL C 105 1.05 20.99 14.28
CA VAL C 105 1.10 21.91 13.16
C VAL C 105 2.14 21.48 12.15
N ALA C 106 3.34 21.15 12.64
CA ALA C 106 4.43 20.71 11.77
C ALA C 106 4.07 19.44 11.01
N GLY C 107 3.58 18.44 11.74
CA GLY C 107 3.23 17.13 11.17
C GLY C 107 2.13 17.15 10.12
N LEU C 108 1.18 18.09 10.26
CA LEU C 108 0.04 18.20 9.35
C LEU C 108 0.31 19.18 8.21
N MET C 109 0.94 20.31 8.52
CA MET C 109 1.37 21.25 7.49
C MET C 109 2.36 20.59 6.53
N ALA C 110 3.22 19.73 7.07
CA ALA C 110 4.21 19.02 6.26
C ALA C 110 3.52 18.13 5.24
N MET C 111 2.73 17.18 5.73
CA MET C 111 1.95 16.28 4.88
C MET C 111 1.18 17.03 3.79
N ASN C 112 0.56 18.15 4.16
CA ASN C 112 -0.23 18.93 3.22
C ASN C 112 0.63 19.62 2.15
N GLU C 113 1.77 20.17 2.55
CA GLU C 113 2.73 20.75 1.59
C GLU C 113 3.33 19.67 0.69
N PHE C 114 3.56 18.49 1.26
CA PHE C 114 4.11 17.35 0.54
C PHE C 114 3.17 16.88 -0.58
N CYS C 115 1.88 16.81 -0.28
CA CYS C 115 0.91 16.28 -1.23
C CYS C 115 0.34 17.32 -2.21
N GLY C 116 0.94 18.51 -2.24
CA GLY C 116 0.55 19.54 -3.21
C GLY C 116 -0.62 20.41 -2.78
N GLN C 117 -0.73 20.68 -1.48
CA GLN C 117 -1.80 21.50 -0.91
C GLN C 117 -3.23 21.06 -1.30
N PRO C 118 -3.61 19.81 -0.94
CA PRO C 118 -4.97 19.31 -1.17
C PRO C 118 -6.04 19.90 -0.26
N LEU C 119 -5.69 20.15 1.00
CA LEU C 119 -6.64 20.63 2.01
C LEU C 119 -6.58 22.15 2.19
N ASP C 120 -7.71 22.74 2.56
CA ASP C 120 -7.77 24.18 2.83
C ASP C 120 -7.55 24.49 4.31
N LYS C 121 -7.37 25.78 4.60
CA LYS C 121 -7.02 26.26 5.93
C LYS C 121 -7.96 25.74 7.02
N VAL C 122 -9.26 25.71 6.73
CA VAL C 122 -10.25 25.39 7.74
C VAL C 122 -10.27 23.90 8.05
N THR C 123 -10.12 23.08 7.01
CA THR C 123 -10.10 21.62 7.17
C THR C 123 -8.85 21.23 7.96
N LEU C 124 -7.70 21.73 7.52
CA LEU C 124 -6.46 21.41 8.20
C LEU C 124 -6.53 21.85 9.65
N LEU C 125 -6.76 23.15 9.86
CA LEU C 125 -6.80 23.71 11.22
C LEU C 125 -7.83 23.00 12.10
N GLY C 126 -8.94 22.57 11.49
CA GLY C 126 -9.88 21.70 12.18
C GLY C 126 -9.25 20.38 12.62
N MET C 127 -8.54 19.72 11.70
CA MET C 127 -7.86 18.47 12.00
C MET C 127 -6.83 18.68 13.13
N MET C 128 -6.12 19.81 13.09
CA MET C 128 -5.16 20.20 14.13
C MET C 128 -5.78 20.22 15.54
N GLY C 129 -6.94 20.84 15.67
CA GLY C 129 -7.64 20.86 16.96
C GLY C 129 -8.10 19.49 17.40
N GLU C 130 -8.55 18.69 16.43
CA GLU C 130 -8.97 17.32 16.71
C GLU C 130 -7.88 16.52 17.41
N LEU C 131 -6.64 16.69 16.95
CA LEU C 131 -5.51 15.95 17.51
C LEU C 131 -5.05 16.52 18.85
N GLU C 132 -5.17 17.83 19.02
CA GLU C 132 -4.98 18.46 20.33
C GLU C 132 -5.92 17.84 21.34
N GLY C 133 -7.17 17.63 20.92
CA GLY C 133 -8.18 17.01 21.77
C GLY C 133 -7.79 15.61 22.21
N ARG C 134 -7.34 14.80 21.28
CA ARG C 134 -6.86 13.45 21.62
C ARG C 134 -5.75 13.52 22.68
N VAL C 135 -4.80 14.44 22.49
CA VAL C 135 -3.67 14.59 23.42
C VAL C 135 -4.14 14.90 24.83
N SER C 136 -4.83 16.03 24.99
CA SER C 136 -5.22 16.53 26.31
C SER C 136 -6.69 16.22 26.68
N GLY C 137 -7.37 15.44 25.85
CA GLY C 137 -8.77 15.09 26.11
C GLY C 137 -9.77 16.19 25.80
N SER C 138 -9.29 17.37 25.41
CA SER C 138 -10.16 18.50 25.11
C SER C 138 -9.69 19.17 23.83
N ILE C 139 -10.57 19.27 22.83
CA ILE C 139 -10.23 19.98 21.60
C ILE C 139 -10.08 21.45 21.98
N HIS C 140 -8.98 22.07 21.57
CA HIS C 140 -8.85 23.52 21.61
C HIS C 140 -7.95 23.98 20.47
N PHE C 141 -8.14 25.22 20.04
CA PHE C 141 -7.45 25.76 18.88
C PHE C 141 -6.50 26.90 19.23
N ASP C 142 -6.37 27.24 20.51
CA ASP C 142 -5.62 28.45 20.89
C ASP C 142 -4.10 28.34 20.75
N ASN C 143 -3.57 27.12 20.59
CA ASN C 143 -2.16 26.93 20.23
C ASN C 143 -1.98 26.64 18.74
N VAL C 144 -2.71 25.63 18.22
CA VAL C 144 -2.55 25.25 16.81
C VAL C 144 -2.90 26.36 15.82
N ALA C 145 -3.75 27.31 16.21
CA ALA C 145 -4.15 28.40 15.32
C ALA C 145 -3.11 29.52 15.17
N PRO C 146 -2.56 30.02 16.30
CA PRO C 146 -1.48 30.97 16.10
C PRO C 146 -0.22 30.31 15.58
N CYS C 147 0.09 29.11 16.10
CA CYS C 147 1.24 28.37 15.65
C CYS C 147 1.23 28.23 14.13
N TYR C 148 0.07 27.83 13.60
CA TYR C 148 -0.13 27.64 12.16
C TYR C 148 -0.17 28.95 11.36
N LEU C 149 -0.94 29.91 11.84
CA LEU C 149 -1.26 31.12 11.07
C LEU C 149 -0.40 32.32 11.45
N GLY C 150 0.24 32.25 12.61
CA GLY C 150 1.07 33.35 13.09
C GLY C 150 0.23 34.44 13.71
N GLY C 151 0.89 35.30 14.50
CA GLY C 151 0.26 36.45 15.11
C GLY C 151 -0.51 36.05 16.36
N MET C 152 -1.38 36.95 16.82
CA MET C 152 -2.31 36.64 17.90
C MET C 152 -3.63 36.23 17.26
N GLN C 153 -4.16 35.09 17.68
CA GLN C 153 -5.38 34.56 17.06
C GLN C 153 -6.52 34.48 18.05
N LEU C 154 -7.73 34.69 17.54
CA LEU C 154 -8.94 34.64 18.35
C LEU C 154 -9.80 33.52 17.77
N ILE C 155 -10.15 32.57 18.61
CA ILE C 155 -10.89 31.38 18.20
C ILE C 155 -12.38 31.69 18.13
N LEU C 156 -12.94 31.61 16.93
CA LEU C 156 -14.32 32.00 16.67
C LEU C 156 -15.20 30.87 16.15
N GLU C 157 -14.57 29.84 15.57
CA GLU C 157 -15.25 28.64 15.10
C GLU C 157 -16.52 28.92 14.30
N GLN C 158 -16.33 29.58 13.16
CA GLN C 158 -17.38 29.79 12.19
C GLN C 158 -17.24 28.82 11.01
N GLU C 159 -18.23 28.86 10.12
CA GLU C 159 -18.28 27.98 8.98
C GLU C 159 -17.10 28.20 8.04
N GLY C 160 -16.68 29.45 7.88
CA GLY C 160 -15.61 29.81 6.95
C GLY C 160 -14.21 29.97 7.55
N TYR C 161 -14.12 29.94 8.88
CA TYR C 161 -12.82 30.14 9.56
C TYR C 161 -12.90 29.71 11.03
N ILE C 162 -11.78 29.19 11.54
CA ILE C 162 -11.69 28.82 12.94
C ILE C 162 -11.31 30.03 13.79
N SER C 163 -10.47 30.90 13.23
CA SER C 163 -9.92 32.02 13.97
C SER C 163 -9.72 33.23 13.09
N GLN C 164 -9.49 34.38 13.73
CA GLN C 164 -9.10 35.61 13.03
C GLN C 164 -7.98 36.36 13.75
N ASP C 165 -7.26 37.19 13.01
CA ASP C 165 -6.11 37.95 13.53
C ASP C 165 -6.53 39.06 14.48
N VAL C 166 -5.77 39.21 15.56
CA VAL C 166 -5.94 40.30 16.51
C VAL C 166 -4.70 41.19 16.43
N PRO C 167 -4.86 42.47 16.06
CA PRO C 167 -3.69 43.35 15.98
C PRO C 167 -3.02 43.50 17.34
N GLY C 168 -1.70 43.67 17.34
CA GLY C 168 -0.93 43.79 18.56
C GLY C 168 -0.18 45.10 18.60
N PHE C 169 0.58 45.30 19.66
CA PHE C 169 1.40 46.49 19.84
C PHE C 169 2.86 46.15 19.54
N SER C 170 3.45 46.84 18.56
CA SER C 170 4.82 46.54 18.09
C SER C 170 5.94 46.84 19.10
N ASP C 171 5.70 47.75 20.04
CA ASP C 171 6.64 48.05 21.13
C ASP C 171 6.84 46.87 22.09
N TRP C 172 5.82 46.01 22.16
CA TRP C 172 5.76 44.96 23.18
C TRP C 172 6.76 43.85 22.95
N LEU C 173 7.40 43.44 24.05
CA LEU C 173 8.29 42.31 24.05
C LEU C 173 7.74 41.34 25.09
N TRP C 174 7.86 40.04 24.79
CA TRP C 174 7.30 38.98 25.61
C TRP C 174 8.45 38.13 26.16
N VAL C 175 8.84 38.38 27.39
CA VAL C 175 9.94 37.64 27.99
C VAL C 175 9.41 36.31 28.46
N MET C 176 9.79 35.23 27.75
CA MET C 176 9.35 33.88 28.08
C MET C 176 10.34 33.22 29.03
N ALA C 177 9.86 32.53 30.06
CA ALA C 177 10.74 31.89 31.06
C ALA C 177 10.27 30.49 31.41
N TYR C 178 10.85 29.49 30.76
CA TYR C 178 10.56 28.09 31.05
C TYR C 178 11.42 27.64 32.23
N PRO C 179 10.79 27.20 33.33
CA PRO C 179 11.54 26.94 34.55
C PRO C 179 12.17 25.55 34.70
N GLY C 180 12.01 24.68 33.70
CA GLY C 180 12.65 23.36 33.73
C GLY C 180 11.84 22.24 34.36
N ILE C 181 10.57 22.49 34.62
CA ILE C 181 9.65 21.44 35.08
C ILE C 181 8.47 21.36 34.12
N LYS C 182 7.66 20.32 34.22
CA LYS C 182 6.51 20.16 33.35
C LYS C 182 5.20 20.02 34.12
N VAL C 183 4.10 20.33 33.45
CA VAL C 183 2.78 19.94 33.93
C VAL C 183 1.98 19.40 32.74
N SER C 184 1.24 18.33 32.99
CA SER C 184 0.40 17.73 31.97
C SER C 184 -0.75 18.66 31.66
N THR C 185 -1.03 18.84 30.37
CA THR C 185 -2.17 19.65 29.92
C THR C 185 -3.46 19.06 30.48
N ALA C 186 -3.55 17.73 30.50
CA ALA C 186 -4.72 17.02 31.03
C ALA C 186 -4.99 17.34 32.49
N GLU C 187 -3.94 17.28 33.31
CA GLU C 187 -4.08 17.50 34.77
C GLU C 187 -4.36 18.97 35.08
N ALA C 188 -3.76 19.88 34.32
CA ALA C 188 -3.95 21.32 34.52
C ALA C 188 -5.39 21.77 34.19
N ARG C 189 -6.06 21.05 33.30
CA ARG C 189 -7.47 21.25 33.05
C ARG C 189 -8.32 20.60 34.15
N ALA C 190 -7.95 19.38 34.56
CA ALA C 190 -8.73 18.60 35.53
C ALA C 190 -8.77 19.17 36.96
N ILE C 191 -7.88 20.10 37.26
CA ILE C 191 -7.88 20.82 38.55
C ILE C 191 -8.67 22.13 38.52
N LEU C 192 -9.09 22.55 37.32
CA LEU C 192 -9.99 23.68 37.18
C LEU C 192 -11.33 23.34 37.81
N PRO C 193 -11.96 24.31 38.48
CA PRO C 193 -13.28 24.06 39.07
C PRO C 193 -14.38 23.91 38.01
N ALA C 194 -15.38 23.08 38.31
CA ALA C 194 -16.49 22.84 37.40
C ALA C 194 -17.48 24.02 37.38
N GLN C 195 -17.50 24.82 38.46
CA GLN C 195 -18.36 26.00 38.58
C GLN C 195 -17.62 27.26 39.04
N TYR C 196 -18.07 28.42 38.57
CA TYR C 196 -17.53 29.71 38.98
C TYR C 196 -18.65 30.62 39.48
N ARG C 197 -18.30 31.61 40.31
CA ARG C 197 -19.29 32.63 40.73
C ARG C 197 -19.70 33.48 39.53
N ARG C 198 -20.96 33.87 39.49
CA ARG C 198 -21.47 34.68 38.39
C ARG C 198 -20.56 35.89 38.12
N GLN C 199 -20.14 36.55 39.20
CA GLN C 199 -19.34 37.76 39.09
C GLN C 199 -18.01 37.54 38.38
N ASP C 200 -17.38 36.40 38.65
CA ASP C 200 -16.16 36.00 37.93
C ASP C 200 -16.41 35.86 36.42
N CYS C 201 -17.57 35.34 36.03
CA CYS C 201 -17.94 35.22 34.60
C CYS C 201 -18.27 36.59 33.98
N ILE C 202 -18.76 37.53 34.78
CA ILE C 202 -18.98 38.88 34.29
C ILE C 202 -17.63 39.57 34.08
N THR C 203 -16.81 39.50 35.12
CA THR C 203 -15.46 40.06 35.10
C THR C 203 -14.63 39.50 33.94
N HIS C 204 -14.70 38.19 33.74
CA HIS C 204 -14.00 37.54 32.63
C HIS C 204 -14.43 38.10 31.27
N GLY C 205 -15.73 38.14 31.01
CA GLY C 205 -16.21 38.70 29.75
C GLY C 205 -15.65 40.10 29.54
N ARG C 206 -15.78 40.90 30.59
CA ARG C 206 -15.33 42.28 30.60
C ARG C 206 -13.85 42.42 30.30
N ASN C 207 -13.03 41.60 30.96
CA ASN C 207 -11.60 41.56 30.69
C ASN C 207 -11.28 41.30 29.22
N LEU C 208 -11.78 40.19 28.68
CA LEU C 208 -11.57 39.87 27.25
C LEU C 208 -12.03 40.99 26.32
N ALA C 209 -13.24 41.49 26.58
CA ALA C 209 -13.86 42.50 25.72
C ALA C 209 -13.03 43.76 25.60
N GLY C 210 -12.62 44.29 26.75
CA GLY C 210 -11.77 45.46 26.82
C GLY C 210 -10.36 45.21 26.30
N PHE C 211 -9.88 43.98 26.41
CA PHE C 211 -8.59 43.62 25.84
C PHE C 211 -8.69 43.59 24.33
N ILE C 212 -9.78 43.02 23.80
CA ILE C 212 -10.00 42.99 22.37
C ILE C 212 -10.23 44.42 21.83
N HIS C 213 -10.99 45.21 22.58
CA HIS C 213 -11.22 46.62 22.27
C HIS C 213 -9.89 47.36 22.20
N ALA C 214 -9.08 47.17 23.24
CA ALA C 214 -7.80 47.88 23.39
C ALA C 214 -6.82 47.57 22.29
N CYS C 215 -6.90 46.34 21.77
CA CYS C 215 -6.05 45.92 20.68
C CYS C 215 -6.43 46.60 19.38
N HIS C 216 -7.73 46.77 19.14
CA HIS C 216 -8.22 47.37 17.91
C HIS C 216 -8.13 48.88 17.89
N THR C 217 -8.26 49.50 19.07
CA THR C 217 -8.16 50.95 19.22
C THR C 217 -6.77 51.40 19.66
N GLN C 218 -5.88 50.42 19.84
CA GLN C 218 -4.45 50.65 20.13
C GLN C 218 -4.19 51.36 21.46
N GLN C 219 -4.82 50.86 22.51
CA GLN C 219 -4.58 51.34 23.88
C GLN C 219 -3.84 50.30 24.71
N PRO C 220 -2.50 50.36 24.71
CA PRO C 220 -1.71 49.31 25.36
C PRO C 220 -1.84 49.26 26.88
N ASP C 221 -1.99 50.42 27.51
CA ASP C 221 -2.15 50.49 28.96
C ASP C 221 -3.44 49.79 29.40
N LEU C 222 -4.53 50.10 28.71
CA LEU C 222 -5.82 49.47 28.97
C LEU C 222 -5.67 47.97 28.74
N ALA C 223 -5.13 47.63 27.57
CA ALA C 223 -4.85 46.23 27.22
C ALA C 223 -4.22 45.49 28.40
N ALA C 224 -3.20 46.10 29.00
CA ALA C 224 -2.48 45.52 30.13
C ALA C 224 -3.35 45.33 31.36
N LYS C 225 -4.13 46.34 31.72
CA LYS C 225 -5.02 46.23 32.87
C LYS C 225 -6.08 45.15 32.64
N MET C 226 -6.47 44.96 31.39
CA MET C 226 -7.47 43.97 31.04
C MET C 226 -6.96 42.53 30.96
N MET C 227 -5.65 42.33 30.91
CA MET C 227 -5.08 40.97 30.87
C MET C 227 -5.03 40.31 32.24
N LYS C 228 -6.19 39.90 32.74
CA LYS C 228 -6.28 39.21 34.02
C LYS C 228 -7.03 37.90 33.77
N ASP C 229 -6.65 36.85 34.47
CA ASP C 229 -7.33 35.58 34.32
C ASP C 229 -7.98 35.16 35.62
N VAL C 230 -9.30 34.98 35.59
CA VAL C 230 -10.05 34.52 36.75
C VAL C 230 -10.49 33.06 36.59
N ILE C 231 -10.21 32.47 35.42
CA ILE C 231 -10.66 31.12 35.13
C ILE C 231 -9.67 30.07 35.60
N ALA C 232 -8.43 30.20 35.16
CA ALA C 232 -7.43 29.16 35.39
C ALA C 232 -6.37 29.56 36.41
N GLU C 233 -5.82 30.76 36.24
CA GLU C 233 -4.64 31.17 37.00
C GLU C 233 -4.70 30.95 38.51
N PRO C 234 -5.81 31.36 39.18
CA PRO C 234 -5.87 31.15 40.63
C PRO C 234 -5.85 29.68 41.09
N TYR C 235 -6.21 28.76 40.21
CA TYR C 235 -6.27 27.33 40.54
C TYR C 235 -5.08 26.55 39.99
N ARG C 236 -4.23 27.22 39.21
CA ARG C 236 -3.07 26.61 38.55
C ARG C 236 -1.73 27.09 39.09
N THR C 237 -1.69 28.23 39.78
CA THR C 237 -0.41 28.75 40.29
C THR C 237 0.14 27.95 41.48
N GLN C 238 -0.68 27.06 42.03
CA GLN C 238 -0.24 26.05 43.01
C GLN C 238 0.72 24.99 42.40
N LEU C 239 0.68 24.82 41.07
CA LEU C 239 1.56 23.88 40.36
C LEU C 239 2.74 24.58 39.67
N LEU C 240 2.92 25.87 39.95
CA LEU C 240 3.98 26.67 39.35
C LEU C 240 4.75 27.32 40.49
N PRO C 241 5.60 26.54 41.19
CA PRO C 241 6.35 27.12 42.31
C PRO C 241 7.12 28.37 41.88
N GLY C 242 7.10 29.38 42.72
CA GLY C 242 7.76 30.63 42.43
C GLY C 242 7.08 31.56 41.42
N PHE C 243 5.98 31.14 40.80
CA PHE C 243 5.27 32.04 39.86
C PHE C 243 4.86 33.36 40.52
N ALA C 244 4.24 33.27 41.70
CA ALA C 244 3.77 34.49 42.40
C ALA C 244 4.94 35.43 42.70
N ALA C 245 6.08 34.87 43.11
CA ALA C 245 7.28 35.67 43.37
C ALA C 245 7.72 36.43 42.10
N ALA C 246 7.61 35.78 40.95
CA ALA C 246 7.95 36.41 39.67
C ALA C 246 7.01 37.57 39.29
N ARG C 247 5.73 37.42 39.60
CA ARG C 247 4.72 38.44 39.27
C ARG C 247 4.93 39.69 40.14
N GLN C 248 5.25 39.47 41.41
CA GLN C 248 5.61 40.56 42.31
C GLN C 248 6.74 41.38 41.73
N ALA C 249 7.80 40.69 41.31
CA ALA C 249 8.98 41.37 40.76
C ALA C 249 8.76 41.91 39.35
N ALA C 250 7.86 41.28 38.59
CA ALA C 250 7.48 41.79 37.26
C ALA C 250 6.89 43.19 37.37
N GLN C 251 6.09 43.41 38.40
CA GLN C 251 5.55 44.72 38.70
C GLN C 251 6.63 45.70 39.14
N ASP C 252 7.45 45.31 40.12
CA ASP C 252 8.52 46.19 40.64
C ASP C 252 9.47 46.60 39.52
N ILE C 253 9.93 45.62 38.73
CA ILE C 253 10.78 45.87 37.56
C ILE C 253 10.09 46.77 36.54
N GLY C 254 8.76 46.74 36.51
CA GLY C 254 7.98 47.59 35.65
C GLY C 254 7.48 46.94 34.37
N ALA C 255 7.23 45.63 34.42
CA ALA C 255 6.58 44.97 33.27
C ALA C 255 5.12 45.39 33.25
N LEU C 256 4.52 45.38 32.05
CA LEU C 256 3.09 45.69 31.91
C LEU C 256 2.22 44.58 32.46
N ALA C 257 2.58 43.32 32.20
CA ALA C 257 1.81 42.19 32.69
C ALA C 257 2.66 40.96 32.89
N CYS C 258 2.18 40.06 33.74
CA CYS C 258 2.84 38.76 33.97
C CYS C 258 1.78 37.66 34.09
N GLY C 259 1.87 36.66 33.21
CA GLY C 259 0.88 35.57 33.18
C GLY C 259 1.46 34.21 32.81
N ILE C 260 0.67 33.17 33.04
CA ILE C 260 1.07 31.80 32.72
C ILE C 260 0.96 31.62 31.20
N SER C 261 1.94 30.97 30.60
CA SER C 261 1.87 30.61 29.17
C SER C 261 1.18 29.27 29.09
N GLY C 262 0.11 29.21 28.31
CA GLY C 262 -0.72 28.01 28.24
C GLY C 262 -1.10 27.54 29.63
N SER C 263 -0.92 26.24 29.87
CA SER C 263 -1.08 25.65 31.21
C SER C 263 0.21 25.63 32.05
N GLY C 264 1.26 26.31 31.61
CA GLY C 264 2.50 26.42 32.41
C GLY C 264 3.38 25.19 32.28
N PRO C 265 4.50 25.17 33.03
CA PRO C 265 4.87 26.18 34.02
C PRO C 265 5.63 27.36 33.45
N THR C 266 5.81 27.38 32.13
CA THR C 266 6.39 28.53 31.48
C THR C 266 5.59 29.79 31.83
N LEU C 267 6.31 30.90 31.96
CA LEU C 267 5.75 32.19 32.32
C LEU C 267 6.07 33.18 31.18
N PHE C 268 5.20 34.16 30.98
CA PHE C 268 5.53 35.30 30.11
C PHE C 268 5.35 36.60 30.90
N ALA C 269 6.18 37.59 30.60
CA ALA C 269 6.01 38.92 31.18
C ALA C 269 6.21 39.94 30.07
N VAL C 270 5.19 40.76 29.84
CA VAL C 270 5.19 41.74 28.75
C VAL C 270 5.92 43.01 29.13
N CYS C 271 6.84 43.45 28.28
CA CYS C 271 7.60 44.69 28.48
C CYS C 271 7.58 45.51 27.19
N ASN C 272 7.66 46.83 27.31
CA ASN C 272 7.58 47.70 26.13
C ASN C 272 8.82 48.54 25.85
N ASP C 273 9.97 48.12 26.37
CA ASP C 273 11.26 48.64 25.92
C ASP C 273 12.37 47.62 26.17
N GLN C 274 13.44 47.74 25.39
CA GLN C 274 14.56 46.79 25.44
C GLN C 274 15.14 46.65 26.85
N ALA C 275 15.42 47.77 27.49
CA ALA C 275 16.01 47.80 28.81
C ALA C 275 15.20 47.01 29.84
N THR C 276 13.88 47.20 29.86
CA THR C 276 13.03 46.55 30.84
C THR C 276 13.01 45.02 30.63
N ALA C 277 12.98 44.60 29.36
CA ALA C 277 12.93 43.17 29.02
C ALA C 277 14.19 42.44 29.48
N GLN C 278 15.32 43.12 29.36
CA GLN C 278 16.61 42.56 29.78
C GLN C 278 16.64 42.31 31.28
N ARG C 279 16.21 43.31 32.04
CA ARG C 279 16.14 43.23 33.50
C ARG C 279 15.14 42.16 33.96
N MET C 280 14.06 42.04 33.18
CA MET C 280 13.02 41.06 33.47
C MET C 280 13.55 39.66 33.22
N ALA C 281 14.17 39.48 32.06
CA ALA C 281 14.78 38.21 31.67
C ALA C 281 15.96 37.86 32.57
N GLY C 282 16.65 38.89 33.05
CA GLY C 282 17.77 38.72 33.96
C GLY C 282 17.29 38.17 35.29
N TRP C 283 16.28 38.82 35.86
CA TRP C 283 15.66 38.34 37.10
C TRP C 283 15.10 36.93 36.97
N LEU C 284 14.48 36.64 35.82
CA LEU C 284 13.85 35.33 35.59
C LEU C 284 14.88 34.22 35.49
N GLN C 285 15.95 34.46 34.72
CA GLN C 285 17.14 33.59 34.72
C GLN C 285 17.59 33.20 36.12
N ASN C 286 17.62 34.20 37.00
CA ASN C 286 18.18 34.02 38.34
C ASN C 286 17.22 33.40 39.36
N HIS C 287 15.92 33.62 39.17
CA HIS C 287 14.96 33.36 40.23
C HIS C 287 13.73 32.52 39.87
N TYR C 288 13.40 32.39 38.58
CA TYR C 288 12.24 31.55 38.23
C TYR C 288 12.62 30.09 37.91
N LEU C 289 13.81 29.89 37.33
CA LEU C 289 14.26 28.55 36.91
C LEU C 289 14.52 27.61 38.10
N GLN C 290 13.98 26.40 38.00
CA GLN C 290 14.11 25.38 39.05
C GLN C 290 15.37 24.54 38.87
N ASN C 291 15.80 24.38 37.62
CA ASN C 291 17.00 23.59 37.32
C ASN C 291 17.72 24.12 36.07
N ASP C 292 18.78 23.44 35.65
CA ASP C 292 19.58 23.84 34.48
C ASP C 292 18.86 23.67 33.13
N GLU C 293 17.81 22.84 33.11
CA GLU C 293 17.01 22.64 31.90
C GLU C 293 16.14 23.86 31.54
N GLY C 294 15.97 24.78 32.50
CA GLY C 294 15.20 26.00 32.25
C GLY C 294 15.91 26.98 31.35
N PHE C 295 15.14 27.76 30.59
CA PHE C 295 15.67 28.89 29.80
C PHE C 295 14.73 30.09 29.72
N VAL C 296 15.30 31.21 29.29
CA VAL C 296 14.61 32.49 29.13
C VAL C 296 14.93 33.06 27.75
N HIS C 297 13.90 33.51 27.03
CA HIS C 297 14.09 34.18 25.74
C HIS C 297 13.21 35.42 25.62
N ILE C 298 13.79 36.52 25.15
CA ILE C 298 13.04 37.74 24.86
C ILE C 298 12.47 37.62 23.44
N CYS C 299 11.14 37.60 23.35
CA CYS C 299 10.48 37.31 22.07
C CYS C 299 9.56 38.45 21.65
N ARG C 300 9.22 38.44 20.37
CA ARG C 300 8.13 39.27 19.84
C ARG C 300 7.12 38.32 19.21
N LEU C 301 6.07 38.86 18.59
CA LEU C 301 5.10 38.02 17.90
C LEU C 301 5.73 37.44 16.65
N ASP C 302 5.40 36.19 16.36
CA ASP C 302 5.84 35.53 15.14
C ASP C 302 4.75 35.65 14.10
N THR C 303 4.93 36.60 13.19
CA THR C 303 3.89 36.96 12.22
C THR C 303 3.74 35.97 11.08
N ALA C 304 4.79 35.17 10.83
CA ALA C 304 4.76 34.19 9.74
C ALA C 304 4.00 32.92 10.14
N GLY C 305 4.21 32.44 11.37
CA GLY C 305 3.67 31.16 11.80
C GLY C 305 4.54 30.03 11.27
N ALA C 306 3.96 28.84 11.15
CA ALA C 306 4.73 27.67 10.67
C ALA C 306 5.09 27.85 9.21
N ARG C 307 6.27 27.34 8.82
CA ARG C 307 6.79 27.61 7.48
C ARG C 307 7.76 26.57 6.91
N LEU C 308 7.95 26.64 5.59
CA LEU C 308 8.90 25.80 4.86
C LEU C 308 10.34 26.29 5.00
N LEU C 309 11.19 25.47 5.61
CA LEU C 309 12.63 25.77 5.70
C LEU C 309 13.36 25.40 4.41
C1 CIT D . 9.41 -5.18 -28.73
O1 CIT D . 10.09 -5.90 -29.49
O2 CIT D . 9.86 -4.79 -27.62
C2 CIT D . 8.02 -4.73 -29.07
C3 CIT D . 7.35 -5.28 -30.33
O7 CIT D . 6.30 -4.36 -30.63
C4 CIT D . 8.25 -5.37 -31.57
C5 CIT D . 7.41 -5.66 -32.80
O3 CIT D . 6.53 -4.84 -33.13
O4 CIT D . 7.59 -6.69 -33.46
C6 CIT D . 6.63 -6.58 -30.09
O5 CIT D . 7.27 -7.65 -30.02
O6 CIT D . 5.39 -6.52 -29.98
C1 CIT E . -14.13 -11.32 9.34
O1 CIT E . -13.92 -10.12 9.59
O2 CIT E . -13.82 -12.22 10.15
C2 CIT E . -14.78 -11.72 8.02
C3 CIT E . -13.76 -11.84 6.88
O7 CIT E . -12.67 -12.68 7.28
C4 CIT E . -14.35 -12.34 5.57
C5 CIT E . -15.16 -13.61 5.63
O3 CIT E . -14.97 -14.49 6.48
O4 CIT E . -16.03 -13.74 4.75
C6 CIT E . -13.18 -10.48 6.55
O5 CIT E . -11.95 -10.28 6.65
O6 CIT E . -13.96 -9.60 6.15
C1 CIT F . 2.63 22.50 26.16
O1 CIT F . 3.11 22.42 27.30
O2 CIT F . 3.30 22.89 25.18
C2 CIT F . 1.18 22.13 25.98
C3 CIT F . 0.32 23.39 25.86
O7 CIT F . 1.02 24.43 25.17
C4 CIT F . -1.01 23.06 25.19
C5 CIT F . -0.90 22.71 23.74
O3 CIT F . -1.96 22.36 23.17
O4 CIT F . 0.21 22.74 23.16
C6 CIT F . -0.08 23.88 27.23
O5 CIT F . 0.35 24.95 27.72
O6 CIT F . -0.89 23.16 27.83
#